data_6MQE
#
_entry.id   6MQE
#
_cell.length_a   71.234
_cell.length_b   147.729
_cell.length_c   172.711
_cell.angle_alpha   90.00
_cell.angle_beta   90.00
_cell.angle_gamma   90.00
#
_symmetry.space_group_name_H-M   'C 2 2 21'
#
loop_
_entity.id
_entity.type
_entity.pdbx_description
1 polymer 'DFPHa.15 antibody Fab light chain'
2 polymer 'DFPHa.15 antibody Fab heavy chain'
3 polymer 'HIV fusion peptide'
4 water water
#
loop_
_entity_poly.entity_id
_entity_poly.type
_entity_poly.pdbx_seq_one_letter_code
_entity_poly.pdbx_strand_id
1 'polypeptide(L)'
;DIQMTQSPSSLSASIGDRVTVTCRASQGIDKDLSWFQQKPGKAPTLLIYTASTLQTGVSSRFSGSGSGTDFSLTINNLQP
EDVATYFCQQDFSFPLTFGGGTKVDFKRTVAAPSVFIFPPSEDQVKSGTVSVVCLLNNFYPREASVKWKVDGALKTGNSQ
ESVTEQDSKDNTYSLSSTLTLSSTEYQSHKVYACEVTHQGLSSPVTKSFNRGEC
;
B,L
2 'polypeptide(L)'
;QVQLQVSGPGVVRPSETLSLTCEVSSGSTSRDFFYWSWVRQTPGKGLEWIGGMYSNSEETNHNPSLKSRVIISKDTSKNE
FSLRLTSVTAADTAVYFCSSRAKIYYSASYSGGRIDVWGPGLLVTVSSASTKGPSVFPLAPSSRSTSESTAALGCLVKDY
FPEPVTVSWNSGSLTSGVHTFPAVLQSSGLYSLSSVVTVPSSSLGTQTYVCNVNHKPSNTKVDKRVEIKTCG
;
A,H
3 'polypeptide(L)' AVGIGAVF C,D
#
# COMPACT_ATOMS: atom_id res chain seq x y z
N ASP A 1 -2.31 -14.00 2.96
CA ASP A 1 -1.88 -13.91 4.35
C ASP A 1 -2.99 -13.32 5.23
N ILE A 2 -2.71 -13.13 6.52
CA ILE A 2 -3.69 -12.57 7.45
C ILE A 2 -3.51 -11.06 7.48
N GLN A 3 -4.53 -10.33 7.07
CA GLN A 3 -4.44 -8.89 7.23
C GLN A 3 -5.49 -8.30 8.15
N MET A 4 -5.05 -7.23 8.80
CA MET A 4 -5.76 -6.50 9.83
C MET A 4 -6.20 -5.18 9.24
N THR A 5 -7.49 -4.94 9.18
CA THR A 5 -8.00 -3.66 8.72
C THR A 5 -8.41 -2.82 9.93
N GLN A 6 -7.85 -1.63 10.02
CA GLN A 6 -8.11 -0.70 11.12
C GLN A 6 -9.03 0.42 10.65
N SER A 7 -9.90 0.85 11.56
CA SER A 7 -10.90 1.89 11.31
C SER A 7 -11.06 2.70 12.59
N PRO A 8 -11.10 4.03 12.51
CA PRO A 8 -10.87 4.71 11.23
C PRO A 8 -9.37 4.94 11.03
N SER A 9 -8.96 5.32 9.82
CA SER A 9 -7.56 5.64 9.57
C SER A 9 -7.11 6.83 10.40
N SER A 10 -8.01 7.75 10.69
CA SER A 10 -7.68 8.95 11.45
C SER A 10 -8.84 9.28 12.38
N LEU A 11 -8.53 9.91 13.50
CA LEU A 11 -9.54 10.17 14.51
C LEU A 11 -9.15 11.44 15.26
N SER A 12 -10.04 12.42 15.31
CA SER A 12 -9.78 13.65 16.04
C SER A 12 -10.74 13.72 17.22
N ALA A 13 -10.20 14.03 18.39
CA ALA A 13 -11.02 14.01 19.58
C ALA A 13 -10.53 15.05 20.58
N SER A 14 -11.35 15.27 21.60
CA SER A 14 -11.06 16.23 22.65
C SER A 14 -10.60 15.51 23.92
N ILE A 15 -10.10 16.32 24.85
CA ILE A 15 -9.66 15.87 26.17
C ILE A 15 -10.87 15.30 26.88
N GLY A 16 -10.75 14.11 27.45
CA GLY A 16 -11.85 13.48 28.14
C GLY A 16 -12.73 12.58 27.28
N ASP A 17 -12.59 12.64 25.96
CA ASP A 17 -13.41 11.81 25.08
C ASP A 17 -13.05 10.34 25.25
N ARG A 18 -14.04 9.48 24.98
CA ARG A 18 -13.83 8.04 24.88
C ARG A 18 -13.78 7.71 23.40
N VAL A 19 -12.64 7.18 22.94
CA VAL A 19 -12.41 6.96 21.52
C VAL A 19 -12.12 5.49 21.30
N THR A 20 -12.46 5.00 20.11
CA THR A 20 -12.42 3.59 19.81
C THR A 20 -11.82 3.37 18.42
N VAL A 21 -10.86 2.46 18.35
CA VAL A 21 -10.28 1.99 17.10
C VAL A 21 -10.68 0.52 16.95
N THR A 22 -10.99 0.12 15.72
CA THR A 22 -11.47 -1.22 15.42
C THR A 22 -10.50 -1.85 14.42
N CYS A 23 -10.26 -3.15 14.59
CA CYS A 23 -9.35 -3.89 13.73
C CYS A 23 -10.04 -5.23 13.44
N ARG A 24 -9.97 -5.71 12.18
CA ARG A 24 -10.49 -7.06 11.94
C ARG A 24 -9.40 -7.84 11.24
N ALA A 25 -9.39 -9.13 11.50
CA ALA A 25 -8.49 -10.03 10.82
C ALA A 25 -9.23 -10.68 9.66
N SER A 26 -8.49 -10.98 8.59
CA SER A 26 -9.09 -11.69 7.47
C SER A 26 -9.52 -13.11 7.84
N GLN A 27 -9.14 -13.61 9.01
CA GLN A 27 -9.57 -14.91 9.52
C GLN A 27 -9.60 -14.87 11.04
N GLY A 28 -10.04 -15.97 11.64
CA GLY A 28 -10.03 -16.08 13.09
C GLY A 28 -8.61 -16.08 13.61
N ILE A 29 -8.32 -15.20 14.56
CA ILE A 29 -6.99 -15.05 15.15
C ILE A 29 -7.07 -15.22 16.66
N ASP A 30 -7.72 -16.28 17.11
CA ASP A 30 -8.57 -16.33 18.30
C ASP A 30 -8.40 -15.20 19.29
N LYS A 31 -7.26 -15.05 19.96
CA LYS A 31 -7.10 -13.90 20.86
C LYS A 31 -5.77 -13.24 20.65
N ASP A 32 -5.03 -13.68 19.64
CA ASP A 32 -3.63 -13.35 19.43
C ASP A 32 -3.55 -12.01 18.67
N LEU A 33 -3.87 -10.94 19.40
CA LEU A 33 -3.90 -9.59 18.85
C LEU A 33 -3.40 -8.60 19.89
N SER A 34 -2.53 -7.69 19.46
CA SER A 34 -1.91 -6.72 20.35
C SER A 34 -2.15 -5.32 19.79
N TRP A 35 -2.12 -4.35 20.69
CA TRP A 35 -2.25 -2.94 20.34
C TRP A 35 -1.00 -2.23 20.80
N PHE A 36 -0.41 -1.46 19.88
CA PHE A 36 0.80 -0.68 20.07
C PHE A 36 0.51 0.80 19.86
N GLN A 37 1.25 1.63 20.59
CA GLN A 37 1.22 3.08 20.44
C GLN A 37 2.58 3.56 19.92
N GLN A 38 2.56 4.38 18.89
CA GLN A 38 3.77 4.94 18.32
C GLN A 38 3.69 6.45 18.28
N LYS A 39 4.57 7.11 19.01
CA LYS A 39 4.79 8.53 18.88
C LYS A 39 5.62 8.80 17.63
N PRO A 40 5.54 10.02 17.06
CA PRO A 40 6.17 10.25 15.75
C PRO A 40 7.64 9.84 15.62
N GLY A 41 8.51 10.19 16.55
CA GLY A 41 9.88 9.78 16.36
C GLY A 41 10.31 8.45 16.97
N LYS A 42 9.47 7.85 17.80
CA LYS A 42 9.84 6.76 18.68
C LYS A 42 9.47 5.43 18.00
N ALA A 43 9.83 4.33 18.62
CA ALA A 43 9.46 2.97 18.25
C ALA A 43 8.09 2.62 18.85
N PRO A 44 7.34 1.70 18.26
CA PRO A 44 6.03 1.35 18.83
C PRO A 44 6.19 0.78 20.23
N THR A 45 5.23 1.11 21.09
CA THR A 45 5.19 0.69 22.49
C THR A 45 3.97 -0.18 22.73
N LEU A 46 4.15 -1.30 23.43
CA LEU A 46 3.04 -2.21 23.66
C LEU A 46 2.04 -1.59 24.64
N LEU A 47 0.76 -1.62 24.26
CA LEU A 47 -0.35 -1.23 25.12
C LEU A 47 -1.15 -2.43 25.60
N ILE A 48 -1.66 -3.25 24.68
CA ILE A 48 -2.54 -4.37 25.03
C ILE A 48 -2.03 -5.62 24.35
N TYR A 49 -2.15 -6.76 25.03
CA TYR A 49 -1.86 -8.04 24.38
C TYR A 49 -2.95 -9.04 24.72
N THR A 50 -3.01 -10.10 23.92
CA THR A 50 -4.13 -11.07 23.97
C THR A 50 -5.46 -10.34 23.98
N ALA A 51 -5.50 -9.21 23.27
CA ALA A 51 -6.68 -8.45 22.88
C ALA A 51 -7.33 -7.69 24.03
N SER A 52 -7.04 -8.07 25.28
CA SER A 52 -7.65 -7.37 26.40
C SER A 52 -6.74 -7.23 27.61
N THR A 53 -5.51 -7.75 27.58
CA THR A 53 -4.64 -7.73 28.75
C THR A 53 -3.82 -6.46 28.74
N LEU A 54 -4.00 -5.63 29.76
CA LEU A 54 -3.25 -4.38 29.88
C LEU A 54 -1.83 -4.69 30.32
N GLN A 55 -0.86 -4.19 29.56
CA GLN A 55 0.54 -4.39 29.88
C GLN A 55 0.92 -3.59 31.12
N THR A 56 1.77 -4.18 31.97
CA THR A 56 2.21 -3.53 33.18
C THR A 56 2.78 -2.16 32.88
N GLY A 57 2.28 -1.13 33.55
CA GLY A 57 2.77 0.21 33.33
C GLY A 57 1.88 1.07 32.45
N VAL A 58 1.02 0.46 31.66
CA VAL A 58 0.14 1.22 30.79
C VAL A 58 -1.10 1.62 31.57
N SER A 59 -1.58 2.84 31.36
CA SER A 59 -2.69 3.31 32.17
C SER A 59 -3.96 2.54 31.81
N SER A 60 -4.82 2.34 32.82
CA SER A 60 -6.08 1.62 32.64
C SER A 60 -7.08 2.40 31.81
N ARG A 61 -6.72 3.63 31.42
CA ARG A 61 -7.50 4.37 30.44
C ARG A 61 -7.53 3.66 29.10
N PHE A 62 -6.51 2.84 28.81
CA PHE A 62 -6.50 1.98 27.64
C PHE A 62 -7.15 0.65 27.98
N SER A 63 -8.09 0.23 27.15
CA SER A 63 -8.71 -1.07 27.33
C SER A 63 -8.92 -1.72 25.98
N GLY A 64 -9.00 -3.04 25.97
CA GLY A 64 -9.14 -3.78 24.75
C GLY A 64 -10.24 -4.83 24.85
N SER A 65 -10.93 -5.05 23.75
CA SER A 65 -11.95 -6.09 23.72
C SER A 65 -11.93 -6.76 22.36
N GLY A 66 -12.64 -7.86 22.27
CA GLY A 66 -12.84 -8.56 21.01
C GLY A 66 -12.23 -9.94 21.01
N SER A 67 -12.59 -10.67 19.96
CA SER A 67 -12.12 -12.04 19.76
C SER A 67 -12.41 -12.43 18.32
N GLY A 68 -11.91 -13.61 17.95
CA GLY A 68 -12.19 -14.12 16.64
C GLY A 68 -11.66 -13.21 15.56
N THR A 69 -12.60 -12.50 14.93
CA THR A 69 -12.33 -11.58 13.83
C THR A 69 -12.30 -10.12 14.24
N ASP A 70 -13.00 -9.72 15.29
CA ASP A 70 -13.22 -8.30 15.52
C ASP A 70 -12.62 -7.87 16.84
N PHE A 71 -11.90 -6.74 16.83
CA PHE A 71 -11.20 -6.27 18.02
C PHE A 71 -11.33 -4.76 18.10
N SER A 72 -11.25 -4.26 19.33
CA SER A 72 -11.37 -2.84 19.60
C SER A 72 -10.34 -2.44 20.65
N LEU A 73 -9.78 -1.25 20.46
CA LEU A 73 -9.00 -0.54 21.47
C LEU A 73 -9.77 0.71 21.85
N THR A 74 -9.94 0.93 23.15
CA THR A 74 -10.66 2.10 23.64
C THR A 74 -9.71 2.91 24.51
N ILE A 75 -9.66 4.22 24.27
CA ILE A 75 -8.96 5.18 25.12
C ILE A 75 -10.03 6.06 25.77
N ASN A 76 -10.14 5.99 27.10
CA ASN A 76 -11.31 6.55 27.76
C ASN A 76 -11.19 8.02 28.19
N ASN A 77 -10.26 8.33 29.06
CA ASN A 77 -10.06 9.71 29.49
C ASN A 77 -8.90 10.30 28.71
N LEU A 78 -9.18 10.58 27.43
CA LEU A 78 -8.12 10.98 26.50
C LEU A 78 -7.28 12.11 27.07
N GLN A 79 -5.97 11.95 26.97
CA GLN A 79 -5.00 12.86 27.55
C GLN A 79 -3.99 13.27 26.50
N PRO A 80 -3.21 14.35 26.75
CA PRO A 80 -2.21 14.77 25.76
C PRO A 80 -1.21 13.69 25.37
N GLU A 81 -0.79 12.82 26.28
CA GLU A 81 0.07 11.74 25.78
C GLU A 81 -0.63 10.77 24.81
N ASP A 82 -1.95 10.84 24.61
CA ASP A 82 -2.58 9.88 23.73
C ASP A 82 -2.51 10.27 22.25
N VAL A 83 -2.00 11.46 21.92
CA VAL A 83 -1.86 11.84 20.51
C VAL A 83 -0.71 11.03 19.92
N ALA A 84 -1.03 10.11 19.03
CA ALA A 84 -0.07 9.15 18.50
C ALA A 84 -0.75 8.30 17.42
N THR A 85 -0.01 7.35 16.86
CA THR A 85 -0.58 6.35 15.97
C THR A 85 -0.73 5.03 16.73
N TYR A 86 -1.82 4.31 16.45
CA TYR A 86 -2.12 3.07 17.13
C TYR A 86 -2.27 1.96 16.12
N PHE A 87 -1.55 0.85 16.36
CA PHE A 87 -1.52 -0.28 15.46
C PHE A 87 -2.00 -1.53 16.19
N CYS A 88 -2.68 -2.40 15.46
CA CYS A 88 -2.91 -3.76 15.93
C CYS A 88 -1.90 -4.67 15.26
N GLN A 89 -1.49 -5.69 15.99
CA GLN A 89 -0.50 -6.65 15.53
C GLN A 89 -1.06 -8.03 15.76
N GLN A 90 -1.11 -8.81 14.71
CA GLN A 90 -1.55 -10.19 14.81
C GLN A 90 -0.33 -11.07 15.02
N ASP A 91 -0.37 -11.89 16.05
CA ASP A 91 0.67 -12.89 16.30
C ASP A 91 0.07 -14.29 16.33
N PHE A 92 -1.04 -14.48 15.63
CA PHE A 92 -1.65 -15.80 15.54
C PHE A 92 -0.82 -16.74 14.67
N SER A 93 -0.29 -16.24 13.57
CA SER A 93 0.47 -17.09 12.67
C SER A 93 1.51 -16.26 11.92
N PHE A 94 2.51 -16.95 11.37
CA PHE A 94 3.55 -16.32 10.58
C PHE A 94 3.04 -16.07 9.16
N PRO A 95 3.35 -14.91 8.56
CA PRO A 95 4.13 -13.84 9.20
C PRO A 95 3.28 -12.94 10.09
N LEU A 96 3.89 -12.30 11.07
CA LEU A 96 3.15 -11.34 11.85
C LEU A 96 2.78 -10.17 10.95
N THR A 97 1.58 -9.64 11.15
CA THR A 97 1.07 -8.58 10.31
C THR A 97 0.48 -7.49 11.18
N PHE A 98 0.47 -6.28 10.64
CA PHE A 98 0.03 -5.12 11.39
C PHE A 98 -1.13 -4.45 10.69
N GLY A 99 -1.98 -3.79 11.47
CA GLY A 99 -2.97 -2.93 10.87
C GLY A 99 -2.32 -1.69 10.29
N GLY A 100 -3.07 -1.02 9.42
CA GLY A 100 -2.57 0.17 8.75
C GLY A 100 -2.30 1.33 9.69
N GLY A 101 -2.87 1.30 10.88
CA GLY A 101 -2.59 2.38 11.80
C GLY A 101 -3.73 3.39 11.87
N THR A 102 -3.87 4.00 13.05
CA THR A 102 -4.89 5.02 13.31
C THR A 102 -4.27 6.20 14.03
N LYS A 103 -4.36 7.39 13.45
CA LYS A 103 -3.94 8.60 14.15
C LYS A 103 -5.01 9.19 15.04
N VAL A 104 -4.58 9.51 16.25
CA VAL A 104 -5.41 10.19 17.19
C VAL A 104 -4.89 11.61 17.26
N ASP A 105 -5.77 12.53 16.96
CA ASP A 105 -5.44 13.94 16.84
C ASP A 105 -6.39 14.70 17.77
N PHE A 106 -6.03 15.94 18.09
CA PHE A 106 -6.78 16.72 19.07
C PHE A 106 -7.76 17.64 18.37
N LYS A 107 -9.03 17.60 18.78
CA LYS A 107 -9.98 18.57 18.26
C LYS A 107 -9.69 19.95 18.83
N ARG A 108 -9.88 20.96 18.01
CA ARG A 108 -9.87 22.34 18.45
C ARG A 108 -10.83 23.09 17.56
N THR A 109 -11.03 24.37 17.86
CA THR A 109 -11.87 25.20 17.00
C THR A 109 -11.25 25.26 15.61
N VAL A 110 -12.12 25.33 14.59
CA VAL A 110 -11.62 25.38 13.23
C VAL A 110 -10.80 26.64 13.05
N ALA A 111 -9.63 26.50 12.44
CA ALA A 111 -8.74 27.63 12.16
C ALA A 111 -8.42 27.62 10.68
N ALA A 112 -8.75 28.70 10.00
CA ALA A 112 -8.42 28.81 8.60
C ALA A 112 -6.91 28.99 8.44
N PRO A 113 -6.31 28.44 7.39
CA PRO A 113 -4.86 28.58 7.22
C PRO A 113 -4.50 29.99 6.78
N SER A 114 -3.39 30.47 7.32
CA SER A 114 -2.77 31.69 6.81
C SER A 114 -1.90 31.32 5.60
N VAL A 115 -2.20 31.89 4.44
CA VAL A 115 -1.57 31.48 3.19
C VAL A 115 -0.49 32.49 2.77
N PHE A 116 0.71 31.99 2.48
CA PHE A 116 1.80 32.78 1.93
C PHE A 116 2.37 32.08 0.70
N ILE A 117 2.89 32.86 -0.25
CA ILE A 117 3.58 32.28 -1.40
C ILE A 117 4.96 32.94 -1.51
N PHE A 118 5.97 32.11 -1.79
CA PHE A 118 7.37 32.54 -1.87
C PHE A 118 7.88 32.24 -3.27
N PRO A 119 8.14 33.28 -4.06
CA PRO A 119 8.67 33.10 -5.42
C PRO A 119 10.16 32.81 -5.39
N PRO A 120 10.67 32.06 -6.37
CA PRO A 120 12.10 31.72 -6.38
C PRO A 120 13.01 32.94 -6.55
N SER A 121 14.10 32.93 -5.80
CA SER A 121 15.15 33.94 -5.88
C SER A 121 15.94 33.85 -7.18
N GLU A 122 16.79 34.86 -7.41
CA GLU A 122 17.70 34.86 -8.55
C GLU A 122 18.45 33.53 -8.66
N ASP A 123 18.97 33.04 -7.52
CA ASP A 123 19.87 31.89 -7.55
C ASP A 123 19.15 30.62 -7.95
N GLN A 124 17.89 30.46 -7.56
CA GLN A 124 17.20 29.22 -7.86
C GLN A 124 16.95 29.09 -9.37
N VAL A 125 16.71 30.18 -10.03
CA VAL A 125 16.38 30.09 -11.48
C VAL A 125 17.60 29.64 -12.25
N LYS A 126 18.77 30.08 -11.86
CA LYS A 126 20.00 29.71 -12.54
C LYS A 126 20.50 28.33 -12.15
N SER A 127 19.85 27.66 -11.20
CA SER A 127 20.29 26.35 -10.76
C SER A 127 19.76 25.21 -11.65
N GLY A 128 18.89 25.56 -12.57
CA GLY A 128 18.27 24.58 -13.47
C GLY A 128 16.91 24.15 -12.98
N THR A 129 16.63 24.21 -11.69
CA THR A 129 15.30 23.81 -11.19
C THR A 129 14.82 24.86 -10.19
N VAL A 130 13.57 25.25 -10.31
CA VAL A 130 12.94 26.28 -9.46
C VAL A 130 11.85 25.62 -8.64
N SER A 131 11.76 25.99 -7.39
CA SER A 131 10.73 25.55 -6.46
C SER A 131 10.00 26.77 -5.94
N VAL A 132 8.68 26.83 -6.19
CA VAL A 132 7.80 27.86 -5.67
C VAL A 132 7.12 27.30 -4.44
N VAL A 133 7.18 28.01 -3.32
CA VAL A 133 6.75 27.44 -2.05
C VAL A 133 5.46 28.13 -1.62
N CYS A 134 4.43 27.35 -1.35
CA CYS A 134 3.16 27.84 -0.84
C CYS A 134 3.00 27.31 0.59
N LEU A 135 2.87 28.21 1.54
CA LEU A 135 2.78 27.86 2.94
C LEU A 135 1.35 28.07 3.43
N LEU A 136 0.80 27.05 4.10
CA LEU A 136 -0.45 27.14 4.83
C LEU A 136 -0.09 26.99 6.31
N ASN A 137 -0.26 28.05 7.07
CA ASN A 137 0.22 28.12 8.43
C ASN A 137 -0.94 28.09 9.42
N ASN A 138 -0.80 27.24 10.44
CA ASN A 138 -1.58 27.23 11.68
C ASN A 138 -3.09 27.10 11.39
N PHE A 139 -3.45 25.94 10.83
CA PHE A 139 -4.84 25.65 10.51
C PHE A 139 -5.31 24.36 11.18
N TYR A 140 -6.65 24.22 11.23
CA TYR A 140 -7.31 23.03 11.75
C TYR A 140 -8.71 22.99 11.17
N PRO A 141 -9.19 21.82 10.70
CA PRO A 141 -8.51 20.52 10.79
C PRO A 141 -7.43 20.29 9.73
N ARG A 142 -6.85 19.09 9.74
CA ARG A 142 -5.68 18.81 8.91
C ARG A 142 -6.00 18.71 7.43
N GLU A 143 -7.27 18.50 7.08
CA GLU A 143 -7.62 18.33 5.69
C GLU A 143 -7.58 19.67 4.97
N ALA A 144 -6.85 19.72 3.86
CA ALA A 144 -6.69 20.96 3.11
C ALA A 144 -6.34 20.61 1.69
N SER A 145 -6.86 21.40 0.76
CA SER A 145 -6.61 21.19 -0.66
C SER A 145 -5.87 22.40 -1.20
N VAL A 146 -4.73 22.16 -1.84
CA VAL A 146 -3.92 23.21 -2.44
C VAL A 146 -3.77 22.87 -3.92
N LYS A 147 -4.19 23.79 -4.77
CA LYS A 147 -4.04 23.69 -6.22
C LYS A 147 -3.01 24.69 -6.72
N TRP A 148 -2.28 24.32 -7.77
CA TRP A 148 -1.36 25.24 -8.43
C TRP A 148 -1.89 25.61 -9.81
N LYS A 149 -1.93 26.90 -10.10
CA LYS A 149 -2.34 27.42 -11.40
C LYS A 149 -1.20 28.25 -11.96
N VAL A 150 -0.73 27.87 -13.14
CA VAL A 150 0.35 28.55 -13.83
C VAL A 150 -0.23 29.12 -15.11
N ASP A 151 -0.32 30.43 -15.18
CA ASP A 151 -0.95 31.13 -16.33
C ASP A 151 -2.39 30.59 -16.47
N GLY A 152 -3.05 30.30 -15.36
CA GLY A 152 -4.39 29.78 -15.41
C GLY A 152 -4.52 28.29 -15.69
N ALA A 153 -3.42 27.56 -15.82
CA ALA A 153 -3.44 26.13 -16.09
C ALA A 153 -3.05 25.38 -14.81
N LEU A 154 -3.82 24.33 -14.50
CA LEU A 154 -3.49 23.54 -13.32
C LEU A 154 -2.19 22.77 -13.54
N LYS A 155 -1.30 22.86 -12.57
CA LYS A 155 0.03 22.21 -12.65
C LYS A 155 0.30 21.55 -11.31
N THR A 156 -0.73 21.25 -10.55
CA THR A 156 -0.57 20.69 -9.21
C THR A 156 0.23 19.39 -9.23
N GLY A 157 0.20 18.66 -10.34
CA GLY A 157 0.94 17.42 -10.43
C GLY A 157 2.44 17.59 -10.27
N ASN A 158 2.95 18.79 -10.49
CA ASN A 158 4.36 19.12 -10.30
C ASN A 158 4.65 19.63 -8.90
N SER A 159 3.69 19.56 -7.99
CA SER A 159 3.90 20.00 -6.63
C SER A 159 3.76 18.82 -5.70
N GLN A 160 4.35 18.97 -4.52
CA GLN A 160 4.04 17.99 -3.49
C GLN A 160 4.04 18.65 -2.12
N GLU A 161 3.27 18.02 -1.24
CA GLU A 161 2.90 18.50 0.07
C GLU A 161 3.75 17.87 1.16
N SER A 162 3.89 18.62 2.24
CA SER A 162 4.58 18.17 3.43
C SER A 162 3.91 18.86 4.61
N VAL A 163 3.43 18.09 5.59
CA VAL A 163 2.63 18.62 6.68
C VAL A 163 3.37 18.37 8.00
N THR A 164 3.29 19.32 8.92
CA THR A 164 3.88 19.15 10.24
C THR A 164 3.04 18.20 11.08
N GLU A 165 3.63 17.77 12.19
CA GLU A 165 2.82 17.12 13.20
C GLU A 165 1.98 18.17 13.91
N GLN A 166 0.94 17.71 14.61
CA GLN A 166 0.11 18.66 15.32
C GLN A 166 0.95 19.39 16.36
N ASP A 167 0.87 20.72 16.33
CA ASP A 167 1.58 21.53 17.30
C ASP A 167 1.06 21.25 18.70
N SER A 168 1.99 21.11 19.66
CA SER A 168 1.65 20.73 21.02
C SER A 168 1.02 21.85 21.83
N LYS A 169 1.02 23.09 21.34
CA LYS A 169 0.51 24.21 22.11
C LYS A 169 -0.72 24.86 21.50
N ASP A 170 -0.89 24.85 20.18
CA ASP A 170 -2.11 25.40 19.59
C ASP A 170 -2.94 24.34 18.88
N ASN A 171 -2.45 23.11 18.80
CA ASN A 171 -3.19 21.99 18.20
C ASN A 171 -3.52 22.22 16.72
N THR A 172 -2.72 23.05 16.04
CA THR A 172 -2.89 23.33 14.62
C THR A 172 -1.86 22.57 13.78
N TYR A 173 -2.03 22.67 12.47
CA TYR A 173 -1.14 22.08 11.49
C TYR A 173 -0.57 23.15 10.59
N SER A 174 0.55 22.82 9.95
CA SER A 174 1.14 23.65 8.91
C SER A 174 1.50 22.74 7.73
N LEU A 175 1.32 23.27 6.54
CA LEU A 175 1.52 22.52 5.30
C LEU A 175 2.34 23.34 4.33
N SER A 176 3.22 22.67 3.61
CA SER A 176 3.98 23.26 2.53
C SER A 176 3.64 22.53 1.25
N SER A 177 3.33 23.28 0.20
CA SER A 177 3.11 22.76 -1.14
C SER A 177 4.19 23.37 -2.02
N THR A 178 5.10 22.54 -2.51
CA THR A 178 6.23 23.03 -3.30
C THR A 178 6.04 22.60 -4.75
N LEU A 179 5.94 23.58 -5.64
CA LEU A 179 5.82 23.37 -7.07
C LEU A 179 7.22 23.48 -7.68
N THR A 180 7.71 22.38 -8.24
CA THR A 180 9.06 22.33 -8.78
C THR A 180 8.99 22.14 -10.29
N LEU A 181 9.55 23.13 -10.96
CA LEU A 181 9.62 23.13 -12.43
C LEU A 181 11.08 23.31 -12.84
N SER A 182 11.35 23.08 -14.10
CA SER A 182 12.70 23.38 -14.60
C SER A 182 12.77 24.87 -14.87
N SER A 183 13.96 25.40 -15.00
CA SER A 183 14.10 26.84 -15.29
C SER A 183 13.43 27.21 -16.61
N THR A 184 13.49 26.35 -17.61
CA THR A 184 12.79 26.61 -18.89
C THR A 184 11.24 26.64 -18.80
N GLU A 185 10.48 25.69 -18.21
CA GLU A 185 9.00 25.97 -18.15
C GLU A 185 8.75 27.11 -17.15
N TYR A 186 9.57 27.25 -16.13
CA TYR A 186 9.37 28.37 -15.17
C TYR A 186 9.46 29.72 -15.87
N GLN A 187 10.39 29.91 -16.79
CA GLN A 187 10.56 31.20 -17.49
C GLN A 187 9.63 31.29 -18.71
N SER A 188 8.92 30.22 -19.02
CA SER A 188 7.93 30.15 -20.12
C SER A 188 6.59 30.70 -19.67
N HIS A 189 6.39 30.93 -18.37
CA HIS A 189 5.07 31.30 -17.83
C HIS A 189 5.21 32.50 -16.91
N LYS A 190 4.15 33.28 -16.72
CA LYS A 190 4.31 34.50 -15.91
C LYS A 190 3.55 34.51 -14.57
N VAL A 191 2.34 33.99 -14.52
CA VAL A 191 1.52 34.08 -13.28
C VAL A 191 1.56 32.75 -12.55
N TYR A 192 1.89 32.79 -11.28
CA TYR A 192 2.01 31.58 -10.44
C TYR A 192 1.06 31.75 -9.28
N ALA A 193 0.10 30.88 -9.10
CA ALA A 193 -0.91 31.03 -8.05
C ALA A 193 -1.07 29.70 -7.34
N CYS A 194 -1.23 29.76 -6.02
CA CYS A 194 -1.67 28.59 -5.25
C CYS A 194 -3.01 28.94 -4.62
N GLU A 195 -3.96 28.03 -4.81
CA GLU A 195 -5.34 28.21 -4.42
C GLU A 195 -5.65 27.19 -3.31
N VAL A 196 -6.08 27.69 -2.16
CA VAL A 196 -6.27 26.89 -0.96
C VAL A 196 -7.76 26.82 -0.67
N THR A 197 -8.26 25.60 -0.48
CA THR A 197 -9.59 25.34 0.04
C THR A 197 -9.46 24.58 1.36
N HIS A 198 -10.19 25.05 2.37
CA HIS A 198 -10.19 24.53 3.72
C HIS A 198 -11.55 24.86 4.33
N GLN A 199 -12.05 23.98 5.20
CA GLN A 199 -13.39 24.21 5.74
C GLN A 199 -13.47 25.49 6.55
N GLY A 200 -12.35 26.04 7.01
CA GLY A 200 -12.42 27.33 7.68
C GLY A 200 -12.51 28.52 6.75
N LEU A 201 -12.46 28.27 5.45
CA LEU A 201 -12.52 29.31 4.43
C LEU A 201 -13.88 29.26 3.77
N SER A 202 -14.60 30.39 3.78
CA SER A 202 -15.87 30.47 3.07
C SER A 202 -15.68 30.20 1.58
N SER A 203 -14.66 30.81 0.98
CA SER A 203 -14.31 30.67 -0.43
C SER A 203 -12.83 30.37 -0.52
N PRO A 204 -12.37 29.78 -1.63
CA PRO A 204 -10.92 29.50 -1.76
C PRO A 204 -10.11 30.79 -1.74
N VAL A 205 -8.93 30.72 -1.14
CA VAL A 205 -8.03 31.87 -1.09
C VAL A 205 -6.87 31.58 -2.04
N THR A 206 -6.62 32.49 -2.98
CA THR A 206 -5.55 32.35 -3.95
C THR A 206 -4.47 33.37 -3.67
N LYS A 207 -3.23 32.91 -3.59
CA LYS A 207 -2.06 33.78 -3.50
C LYS A 207 -1.23 33.58 -4.75
N SER A 208 -0.93 34.68 -5.44
CA SER A 208 -0.26 34.60 -6.73
C SER A 208 0.81 35.67 -6.82
N PHE A 209 1.66 35.51 -7.83
CA PHE A 209 2.75 36.46 -8.14
C PHE A 209 3.08 36.37 -9.61
N ASN A 210 3.70 37.43 -10.13
CA ASN A 210 4.13 37.46 -11.53
C ASN A 210 5.63 37.21 -11.58
N ARG A 211 6.06 36.26 -12.38
CA ARG A 211 7.51 35.99 -12.48
C ARG A 211 8.22 37.27 -12.93
N GLY A 212 9.31 37.62 -12.26
CA GLY A 212 10.07 38.81 -12.57
C GLY A 212 9.54 40.04 -11.86
N GLN B 1 25.26 1.31 23.13
CA GLN B 1 24.03 1.07 22.40
C GLN B 1 22.95 0.48 23.32
N VAL B 2 21.74 1.04 23.27
CA VAL B 2 20.64 0.57 24.11
C VAL B 2 20.21 -0.79 23.59
N GLN B 3 19.37 -1.48 24.36
CA GLN B 3 18.91 -2.79 23.93
C GLN B 3 18.09 -2.68 22.65
N LEU B 4 18.31 -3.60 21.74
CA LEU B 4 17.63 -3.66 20.44
C LEU B 4 17.91 -2.42 19.58
N GLN B 5 18.99 -1.70 19.84
CA GLN B 5 19.35 -0.60 18.98
C GLN B 5 19.97 -1.14 17.70
N VAL B 6 19.51 -0.63 16.56
CA VAL B 6 19.93 -1.10 15.25
C VAL B 6 21.11 -0.27 14.76
N SER B 7 22.11 -0.94 14.21
CA SER B 7 23.24 -0.25 13.61
C SER B 7 23.53 -0.85 12.23
N GLY B 8 24.22 -0.06 11.43
CA GLY B 8 24.52 -0.42 10.06
C GLY B 8 24.55 0.81 9.18
N PRO B 9 24.85 0.64 7.90
CA PRO B 9 24.89 1.79 7.00
C PRO B 9 23.50 2.34 6.78
N GLY B 10 23.40 3.67 6.75
CA GLY B 10 22.14 4.32 6.43
C GLY B 10 21.83 4.44 4.95
N VAL B 11 22.81 4.21 4.08
CA VAL B 11 22.62 4.25 2.62
C VAL B 11 23.20 2.98 2.01
N VAL B 12 22.41 2.33 1.16
CA VAL B 12 22.84 1.16 0.39
C VAL B 12 22.52 1.40 -1.08
N ARG B 13 23.47 1.05 -1.95
CA ARG B 13 23.19 1.19 -3.37
C ARG B 13 22.27 0.08 -3.85
N PRO B 14 21.46 0.34 -4.88
CA PRO B 14 20.59 -0.71 -5.41
C PRO B 14 21.39 -1.93 -5.86
N SER B 15 20.74 -3.10 -5.77
CA SER B 15 21.27 -4.41 -6.13
C SER B 15 22.27 -4.93 -5.11
N GLU B 16 22.59 -4.15 -4.09
CA GLU B 16 23.63 -4.46 -3.12
C GLU B 16 22.98 -5.10 -1.90
N THR B 17 23.76 -5.44 -0.87
CA THR B 17 23.22 -6.17 0.27
C THR B 17 23.16 -5.23 1.47
N LEU B 18 21.94 -4.92 1.91
CA LEU B 18 21.74 -4.25 3.19
C LEU B 18 22.08 -5.19 4.33
N SER B 19 22.86 -4.71 5.29
CA SER B 19 23.28 -5.56 6.40
C SER B 19 23.19 -4.76 7.69
N LEU B 20 22.39 -5.24 8.64
CA LEU B 20 22.13 -4.53 9.88
C LEU B 20 22.36 -5.46 11.06
N THR B 21 22.76 -4.88 12.18
CA THR B 21 22.88 -5.61 13.43
C THR B 21 22.05 -4.93 14.49
N CYS B 22 21.79 -5.70 15.54
CA CYS B 22 20.82 -5.36 16.55
C CYS B 22 21.40 -5.77 17.90
N GLU B 23 21.32 -4.90 18.89
CA GLU B 23 21.95 -5.20 20.19
C GLU B 23 21.03 -6.08 21.03
N VAL B 24 21.44 -7.31 21.27
CA VAL B 24 20.64 -8.23 22.07
C VAL B 24 21.46 -8.72 23.25
N SER B 25 20.77 -9.26 24.24
CA SER B 25 21.39 -9.75 25.46
C SER B 25 20.83 -11.12 25.79
N SER B 26 21.49 -11.78 26.73
CA SER B 26 21.03 -13.05 27.24
C SER B 26 20.01 -12.82 28.34
N GLY B 27 19.27 -13.87 28.65
CA GLY B 27 18.32 -13.82 29.74
C GLY B 27 19.01 -13.89 31.08
N SER B 28 18.22 -13.76 32.14
CA SER B 28 18.77 -13.83 33.48
C SER B 28 18.85 -15.26 34.01
N THR B 29 18.13 -16.21 33.41
CA THR B 29 18.31 -17.62 33.74
C THR B 29 18.76 -18.37 32.49
N SER B 30 19.35 -19.55 32.71
CA SER B 30 19.80 -20.38 31.59
C SER B 30 18.65 -20.98 30.79
N ARG B 31 17.43 -20.95 31.32
CA ARG B 31 16.26 -21.41 30.57
C ARG B 31 15.65 -20.33 29.68
N ASP B 32 16.00 -19.07 29.87
CA ASP B 32 15.38 -17.97 29.15
C ASP B 32 15.72 -18.05 27.66
N PHE B 33 14.71 -17.84 26.81
CA PHE B 33 14.96 -17.66 25.39
C PHE B 33 13.96 -16.65 24.85
N PHE B 34 14.42 -15.82 23.93
CA PHE B 34 13.59 -14.78 23.32
C PHE B 34 13.27 -15.11 21.88
N TYR B 35 12.25 -14.45 21.36
CA TYR B 35 11.99 -14.43 19.93
C TYR B 35 12.38 -13.05 19.43
N TRP B 36 13.43 -13.01 18.60
CA TRP B 36 13.97 -11.77 18.04
C TRP B 36 13.43 -11.57 16.63
N SER B 37 12.97 -10.36 16.34
CA SER B 37 12.34 -10.05 15.06
C SER B 37 12.94 -8.79 14.44
N TRP B 38 13.06 -8.82 13.11
CA TRP B 38 13.27 -7.65 12.28
C TRP B 38 11.92 -7.24 11.70
N VAL B 39 11.59 -5.95 11.89
CA VAL B 39 10.38 -5.30 11.37
C VAL B 39 10.83 -4.03 10.65
N ARG B 40 10.03 -3.57 9.68
CA ARG B 40 10.36 -2.32 9.02
C ARG B 40 9.11 -1.50 8.77
N GLN B 41 9.29 -0.19 8.70
CA GLN B 41 8.22 0.78 8.57
C GLN B 41 8.49 1.73 7.42
N THR B 42 7.51 1.85 6.53
CA THR B 42 7.51 2.78 5.42
C THR B 42 6.23 3.59 5.49
N PRO B 43 6.18 4.76 4.82
CA PRO B 43 4.97 5.60 4.88
C PRO B 43 3.76 4.94 4.23
N GLY B 44 3.95 4.37 3.04
CA GLY B 44 2.86 3.75 2.32
C GLY B 44 2.44 2.38 2.82
N LYS B 45 3.41 1.47 2.98
CA LYS B 45 3.14 0.11 3.42
C LYS B 45 3.01 -0.02 4.92
N GLY B 46 3.33 1.02 5.68
CA GLY B 46 3.22 0.94 7.12
C GLY B 46 4.25 -0.01 7.71
N LEU B 47 3.79 -0.85 8.64
CA LEU B 47 4.68 -1.79 9.31
C LEU B 47 4.69 -3.15 8.62
N GLU B 48 5.89 -3.70 8.49
CA GLU B 48 6.08 -4.98 7.82
C GLU B 48 7.07 -5.79 8.64
N TRP B 49 6.63 -6.95 9.09
CA TRP B 49 7.49 -7.89 9.80
C TRP B 49 8.37 -8.61 8.79
N ILE B 50 9.68 -8.44 8.91
CA ILE B 50 10.61 -9.01 7.94
C ILE B 50 10.87 -10.48 8.27
N GLY B 51 11.18 -10.76 9.52
CA GLY B 51 11.40 -12.15 9.88
C GLY B 51 11.93 -12.25 11.29
N GLY B 52 12.22 -13.48 11.70
CA GLY B 52 12.67 -13.61 13.07
C GLY B 52 13.18 -15.01 13.37
N MET B 53 13.61 -15.18 14.63
CA MET B 53 14.15 -16.46 15.08
C MET B 53 14.17 -16.49 16.59
N TYR B 54 14.14 -17.70 17.15
CA TYR B 54 14.35 -17.87 18.57
C TYR B 54 15.85 -17.82 18.87
N SER B 55 16.20 -17.17 19.99
CA SER B 55 17.58 -17.17 20.44
C SER B 55 18.03 -18.57 20.81
N ASN B 56 17.06 -19.47 20.97
CA ASN B 56 17.34 -20.86 21.29
C ASN B 56 17.96 -21.59 20.11
N SER B 57 17.52 -21.28 18.90
CA SER B 57 17.60 -22.18 17.74
C SER B 57 18.36 -21.53 16.59
N GLU B 58 18.49 -22.30 15.51
CA GLU B 58 19.03 -21.85 14.23
C GLU B 58 17.95 -21.71 13.18
N GLU B 59 16.72 -21.96 13.51
CA GLU B 59 15.64 -21.82 12.59
C GLU B 59 15.14 -20.41 12.42
N THR B 60 14.63 -20.11 11.27
CA THR B 60 14.18 -18.76 10.97
C THR B 60 12.76 -18.85 10.42
N ASN B 61 11.97 -17.82 10.72
CA ASN B 61 10.65 -17.61 10.15
C ASN B 61 10.73 -16.35 9.30
N HIS B 62 9.99 -16.33 8.19
CA HIS B 62 10.06 -15.23 7.24
C HIS B 62 8.70 -14.69 6.86
N ASN B 63 8.75 -13.59 6.18
CA ASN B 63 7.65 -13.00 5.42
C ASN B 63 7.73 -13.53 4.00
N PRO B 64 6.66 -14.11 3.46
CA PRO B 64 6.73 -14.71 2.11
C PRO B 64 7.11 -13.73 1.02
N SER B 65 6.80 -12.45 1.21
CA SER B 65 7.19 -11.45 0.22
C SER B 65 8.70 -11.23 0.15
N LEU B 66 9.43 -11.54 1.23
CA LEU B 66 10.87 -11.29 1.28
C LEU B 66 11.77 -12.51 1.44
N LYS B 67 11.20 -13.71 1.63
CA LYS B 67 11.96 -14.81 2.25
C LYS B 67 13.26 -15.14 1.53
N SER B 68 13.25 -15.21 0.21
CA SER B 68 14.50 -15.62 -0.44
C SER B 68 15.55 -14.51 -0.49
N ARG B 69 15.27 -13.32 0.05
CA ARG B 69 16.28 -12.27 0.11
C ARG B 69 16.75 -12.00 1.53
N VAL B 70 16.16 -12.66 2.53
CA VAL B 70 16.41 -12.40 3.94
C VAL B 70 17.33 -13.48 4.51
N ILE B 71 18.38 -13.06 5.20
CA ILE B 71 19.24 -13.93 5.98
C ILE B 71 19.24 -13.37 7.40
N ILE B 72 18.65 -14.13 8.34
CA ILE B 72 18.53 -13.73 9.73
C ILE B 72 19.53 -14.57 10.51
N SER B 73 20.36 -13.92 11.33
CA SER B 73 21.40 -14.65 12.06
C SER B 73 21.55 -14.09 13.46
N LYS B 74 22.37 -14.78 14.24
CA LYS B 74 22.76 -14.34 15.57
C LYS B 74 24.25 -14.59 15.74
N ASP B 75 24.89 -13.73 16.51
CA ASP B 75 26.28 -13.88 16.96
C ASP B 75 26.32 -13.46 18.42
N THR B 76 26.14 -14.44 19.31
CA THR B 76 26.17 -14.17 20.74
C THR B 76 27.53 -13.60 21.16
N SER B 77 28.60 -13.98 20.48
CA SER B 77 29.93 -13.47 20.79
C SER B 77 29.97 -11.94 20.75
N LYS B 78 29.24 -11.33 19.83
CA LYS B 78 29.19 -9.89 19.74
C LYS B 78 27.86 -9.29 20.21
N ASN B 79 27.00 -10.10 20.84
CA ASN B 79 25.66 -9.65 21.25
C ASN B 79 24.91 -9.04 20.07
N GLU B 80 24.95 -9.75 18.94
CA GLU B 80 24.41 -9.24 17.68
C GLU B 80 23.31 -10.14 17.16
N PHE B 81 22.21 -9.52 16.76
CA PHE B 81 21.15 -10.16 16.01
C PHE B 81 21.14 -9.48 14.66
N SER B 82 21.31 -10.24 13.59
CA SER B 82 21.66 -9.62 12.31
C SER B 82 20.61 -9.92 11.24
N LEU B 83 20.45 -8.93 10.36
CA LEU B 83 19.65 -9.04 9.15
C LEU B 83 20.55 -8.75 7.95
N ARG B 84 20.39 -9.56 6.92
CA ARG B 84 21.03 -9.31 5.64
C ARG B 84 19.93 -9.39 4.59
N LEU B 85 19.69 -8.29 3.90
CA LEU B 85 18.69 -8.19 2.84
C LEU B 85 19.45 -8.02 1.53
N THR B 86 19.42 -9.04 0.70
CA THR B 86 20.12 -9.02 -0.58
C THR B 86 19.23 -8.44 -1.66
N SER B 87 19.84 -8.18 -2.83
CA SER B 87 19.10 -7.75 -4.01
C SER B 87 18.24 -6.53 -3.70
N VAL B 88 18.82 -5.57 -2.99
CA VAL B 88 18.05 -4.48 -2.42
C VAL B 88 17.60 -3.52 -3.53
N THR B 89 16.38 -3.01 -3.39
CA THR B 89 15.82 -2.05 -4.32
C THR B 89 15.35 -0.83 -3.55
N ALA B 90 14.86 0.19 -4.27
CA ALA B 90 14.38 1.40 -3.60
C ALA B 90 13.14 1.11 -2.74
N ALA B 91 12.43 0.03 -3.03
CA ALA B 91 11.29 -0.36 -2.23
C ALA B 91 11.69 -0.79 -0.82
N ASP B 92 12.98 -1.03 -0.58
CA ASP B 92 13.48 -1.47 0.71
C ASP B 92 13.92 -0.31 1.60
N THR B 93 13.80 0.92 1.12
CA THR B 93 14.04 2.08 1.94
C THR B 93 12.99 2.13 3.03
N ALA B 94 13.42 2.16 4.29
CA ALA B 94 12.47 2.07 5.40
C ALA B 94 13.22 2.38 6.69
N VAL B 95 12.46 2.51 7.77
CA VAL B 95 13.05 2.50 9.10
C VAL B 95 13.01 1.06 9.59
N TYR B 96 14.14 0.54 10.02
CA TYR B 96 14.28 -0.84 10.46
C TYR B 96 14.31 -0.90 11.99
N PHE B 97 13.51 -1.79 12.56
CA PHE B 97 13.45 -2.02 13.99
C PHE B 97 13.78 -3.47 14.30
N CYS B 98 14.22 -3.65 15.54
CA CYS B 98 14.29 -4.95 16.20
C CYS B 98 13.24 -5.03 17.29
N SER B 99 12.66 -6.22 17.46
CA SER B 99 11.75 -6.47 18.56
C SER B 99 12.14 -7.76 19.27
N SER B 100 11.84 -7.81 20.56
CA SER B 100 12.05 -8.98 21.40
C SER B 100 10.73 -9.36 22.04
N ARG B 101 10.33 -10.63 21.88
CA ARG B 101 9.06 -11.13 22.37
C ARG B 101 9.30 -12.36 23.23
N ALA B 102 8.69 -12.39 24.42
CA ALA B 102 8.83 -13.52 25.34
C ALA B 102 7.67 -13.54 26.32
N LYS B 103 7.16 -14.73 26.64
CA LYS B 103 6.16 -14.83 27.69
C LYS B 103 6.87 -14.92 29.03
N ILE B 104 6.17 -14.44 30.06
CA ILE B 104 6.76 -14.31 31.39
C ILE B 104 6.25 -15.45 32.26
N TYR B 105 7.17 -16.30 32.69
CA TYR B 105 6.84 -17.40 33.58
C TYR B 105 7.69 -17.23 34.85
N TYR B 106 7.69 -16.04 35.44
CA TYR B 106 8.54 -15.85 36.62
C TYR B 106 8.10 -16.67 37.82
N SER B 107 6.80 -16.75 38.04
CA SER B 107 6.33 -17.28 39.31
C SER B 107 4.96 -17.90 39.19
N ALA B 108 4.58 -18.65 40.22
CA ALA B 108 3.21 -19.10 40.28
C ALA B 108 2.28 -17.95 40.64
N SER B 109 2.83 -16.78 41.00
CA SER B 109 2.03 -15.59 41.27
C SER B 109 2.23 -14.49 40.24
N TYR B 110 3.24 -14.61 39.37
CA TYR B 110 3.37 -13.73 38.21
C TYR B 110 3.71 -14.63 37.01
N SER B 111 2.73 -14.83 36.14
CA SER B 111 2.88 -15.67 34.96
C SER B 111 1.83 -15.28 33.95
N GLY B 112 2.08 -15.66 32.70
CA GLY B 112 1.15 -15.39 31.63
C GLY B 112 1.38 -14.05 30.95
N GLY B 113 2.05 -13.12 31.62
CA GLY B 113 2.36 -11.86 31.01
C GLY B 113 3.39 -12.06 29.91
N ARG B 114 3.88 -10.92 29.41
CA ARG B 114 4.72 -10.98 28.23
C ARG B 114 5.55 -9.69 28.14
N ILE B 115 6.68 -9.82 27.47
CA ILE B 115 7.51 -8.70 27.05
C ILE B 115 7.45 -8.67 25.53
N ASP B 116 7.13 -7.50 24.96
CA ASP B 116 7.21 -7.29 23.51
C ASP B 116 7.75 -5.88 23.29
N VAL B 117 9.07 -5.77 23.15
CA VAL B 117 9.75 -4.49 23.16
C VAL B 117 10.44 -4.26 21.82
N TRP B 118 10.42 -3.02 21.37
CA TRP B 118 11.13 -2.63 20.16
C TRP B 118 12.21 -1.63 20.55
N GLY B 119 13.34 -1.70 19.86
CA GLY B 119 14.41 -0.78 20.09
C GLY B 119 14.27 0.39 19.15
N PRO B 120 15.18 1.36 19.24
CA PRO B 120 15.14 2.50 18.32
C PRO B 120 15.42 2.07 16.89
N GLY B 121 14.68 2.64 15.96
CA GLY B 121 14.83 2.26 14.56
C GLY B 121 15.98 2.97 13.88
N LEU B 122 16.32 2.47 12.69
CA LEU B 122 17.37 3.06 11.87
C LEU B 122 16.82 3.28 10.47
N LEU B 123 16.93 4.51 9.97
CA LEU B 123 16.52 4.79 8.60
C LEU B 123 17.60 4.27 7.64
N VAL B 124 17.20 3.43 6.70
CA VAL B 124 18.07 2.96 5.64
C VAL B 124 17.44 3.34 4.32
N THR B 125 18.18 4.07 3.51
CA THR B 125 17.72 4.50 2.20
C THR B 125 18.49 3.75 1.12
N VAL B 126 17.78 3.31 0.09
CA VAL B 126 18.38 2.60 -1.03
C VAL B 126 18.31 3.54 -2.22
N SER B 127 19.46 4.01 -2.68
CA SER B 127 19.56 4.82 -3.90
C SER B 127 21.02 4.83 -4.34
N SER B 128 21.21 5.19 -5.61
CA SER B 128 22.56 5.31 -6.14
C SER B 128 23.10 6.72 -6.05
N ALA B 129 22.36 7.63 -5.44
CA ALA B 129 22.77 9.02 -5.35
C ALA B 129 24.06 9.17 -4.55
N SER B 130 24.88 10.14 -4.94
CA SER B 130 26.10 10.48 -4.20
C SER B 130 25.78 11.42 -3.05
N THR B 131 26.60 11.34 -2.01
CA THR B 131 26.49 12.25 -0.88
C THR B 131 26.75 13.68 -1.32
N LYS B 132 25.80 14.55 -1.03
CA LYS B 132 25.92 15.93 -1.47
C LYS B 132 25.27 16.85 -0.45
N GLY B 133 25.95 17.95 -0.14
CA GLY B 133 25.45 18.94 0.77
C GLY B 133 24.31 19.69 0.12
N PRO B 134 23.45 20.31 0.93
CA PRO B 134 22.27 20.98 0.39
C PRO B 134 22.56 22.36 -0.17
N SER B 135 21.71 22.79 -1.11
CA SER B 135 21.63 24.18 -1.52
C SER B 135 20.52 24.85 -0.73
N VAL B 136 20.83 25.99 -0.11
CA VAL B 136 19.90 26.69 0.76
C VAL B 136 19.48 27.98 0.09
N PHE B 137 18.18 28.13 -0.15
CA PHE B 137 17.68 29.32 -0.80
C PHE B 137 16.75 30.05 0.16
N PRO B 138 16.94 31.35 0.36
CA PRO B 138 16.03 32.08 1.25
C PRO B 138 14.68 32.24 0.59
N LEU B 139 13.63 32.01 1.39
CA LEU B 139 12.26 32.29 1.01
C LEU B 139 11.88 33.57 1.73
N ALA B 140 11.95 34.67 1.02
CA ALA B 140 11.80 36.06 1.41
C ALA B 140 10.33 36.47 1.39
N PRO B 141 9.91 37.38 2.25
CA PRO B 141 8.50 37.84 2.18
C PRO B 141 8.24 38.55 0.86
N SER B 142 7.03 38.33 0.33
CA SER B 142 6.62 38.92 -0.94
C SER B 142 6.48 40.44 -0.87
N SER B 147 1.75 41.56 5.36
CA SER B 147 0.69 42.54 5.59
C SER B 147 0.82 43.23 6.94
N GLU B 148 0.04 42.76 7.88
CA GLU B 148 0.06 43.31 9.20
C GLU B 148 0.18 42.19 10.16
N SER B 149 0.79 42.50 11.28
CA SER B 149 1.00 41.60 12.41
C SER B 149 1.98 40.48 12.22
N THR B 150 1.75 39.53 11.33
CA THR B 150 2.79 38.53 11.15
C THR B 150 3.18 38.40 9.68
N ALA B 151 4.46 38.16 9.45
CA ALA B 151 5.00 37.81 8.15
C ALA B 151 5.65 36.44 8.26
N ALA B 152 5.77 35.76 7.14
CA ALA B 152 6.39 34.45 7.10
C ALA B 152 7.63 34.54 6.23
N LEU B 153 8.70 33.88 6.68
CA LEU B 153 9.92 33.79 5.91
C LEU B 153 10.46 32.38 6.13
N GLY B 154 11.46 31.99 5.35
CA GLY B 154 11.94 30.64 5.50
C GLY B 154 13.16 30.36 4.66
N CYS B 155 13.45 29.07 4.55
CA CYS B 155 14.60 28.56 3.83
C CYS B 155 14.24 27.26 3.16
N LEU B 156 14.69 27.11 1.94
CA LEU B 156 14.47 25.92 1.15
C LEU B 156 15.78 25.17 1.10
N VAL B 157 15.79 23.96 1.64
CA VAL B 157 16.97 23.11 1.71
C VAL B 157 16.76 22.02 0.67
N LYS B 158 17.41 22.19 -0.48
CA LYS B 158 17.14 21.39 -1.68
C LYS B 158 18.38 20.60 -2.08
N ASP B 159 18.15 19.49 -2.77
CA ASP B 159 19.20 18.78 -3.50
C ASP B 159 20.36 18.38 -2.59
N TYR B 160 20.02 17.59 -1.58
CA TYR B 160 20.99 16.99 -0.70
C TYR B 160 20.71 15.51 -0.59
N PHE B 161 21.72 14.77 -0.14
CA PHE B 161 21.63 13.35 0.07
C PHE B 161 22.79 12.92 0.94
N PRO B 162 22.58 12.04 1.92
CA PRO B 162 21.28 11.49 2.30
C PRO B 162 20.62 12.27 3.41
N GLU B 163 19.58 11.69 3.99
CA GLU B 163 19.02 12.20 5.22
C GLU B 163 19.99 11.95 6.38
N PRO B 164 19.94 12.78 7.43
CA PRO B 164 19.09 13.95 7.62
C PRO B 164 19.86 15.26 7.57
N VAL B 165 19.12 16.36 7.67
CA VAL B 165 19.66 17.69 7.89
C VAL B 165 18.97 18.23 9.13
N THR B 166 19.70 19.03 9.89
CA THR B 166 19.14 19.74 11.02
C THR B 166 19.08 21.20 10.66
N VAL B 167 17.93 21.81 10.91
CA VAL B 167 17.71 23.21 10.60
C VAL B 167 17.43 23.95 11.90
N SER B 168 18.16 25.02 12.13
CA SER B 168 17.90 25.93 13.23
C SER B 168 17.76 27.34 12.66
N TRP B 169 17.22 28.22 13.47
CA TRP B 169 17.09 29.62 13.12
C TRP B 169 17.81 30.45 14.16
N ASN B 170 18.65 31.37 13.70
CA ASN B 170 19.45 32.22 14.58
C ASN B 170 20.25 31.37 15.56
N SER B 171 20.89 30.35 15.01
CA SER B 171 21.78 29.47 15.76
C SER B 171 21.05 28.82 16.93
N GLY B 172 19.81 28.39 16.70
CA GLY B 172 19.02 27.76 17.72
C GLY B 172 18.28 28.72 18.62
N SER B 173 18.54 30.02 18.53
CA SER B 173 17.88 30.98 19.40
C SER B 173 16.40 31.09 19.09
N LEU B 174 16.02 31.07 17.82
CA LEU B 174 14.62 31.18 17.41
C LEU B 174 14.03 29.77 17.21
N THR B 175 13.06 29.42 18.05
CA THR B 175 12.39 28.10 18.01
C THR B 175 10.88 28.23 18.00
N SER B 176 10.35 29.31 18.57
CA SER B 176 8.91 29.51 18.64
C SER B 176 8.35 29.87 17.25
N GLY B 177 7.31 29.18 16.83
CA GLY B 177 6.71 29.47 15.53
C GLY B 177 7.50 28.97 14.34
N VAL B 178 8.45 28.07 14.54
CA VAL B 178 9.23 27.48 13.47
C VAL B 178 8.58 26.16 13.07
N HIS B 179 8.41 25.97 11.77
CA HIS B 179 7.93 24.71 11.22
C HIS B 179 8.96 24.23 10.21
N THR B 180 9.62 23.13 10.53
CA THR B 180 10.52 22.47 9.59
C THR B 180 9.83 21.22 9.07
N PHE B 181 9.53 21.21 7.80
CA PHE B 181 8.71 20.15 7.27
C PHE B 181 9.54 18.89 7.02
N PRO B 182 8.90 17.73 7.04
CA PRO B 182 9.61 16.51 6.66
C PRO B 182 10.19 16.67 5.27
N ALA B 183 11.40 16.13 5.08
CA ALA B 183 12.01 16.14 3.76
C ALA B 183 11.16 15.33 2.78
N VAL B 184 11.22 15.71 1.50
CA VAL B 184 10.59 14.95 0.43
C VAL B 184 11.64 14.58 -0.61
N LEU B 185 11.61 13.34 -1.07
CA LEU B 185 12.54 12.88 -2.08
C LEU B 185 12.07 13.37 -3.45
N GLN B 186 12.91 14.11 -4.15
CA GLN B 186 12.50 14.59 -5.46
C GLN B 186 12.93 13.61 -6.55
N SER B 187 12.29 13.73 -7.71
CA SER B 187 12.52 12.80 -8.81
C SER B 187 14.01 12.64 -9.16
N SER B 188 14.81 13.70 -8.97
CA SER B 188 16.25 13.62 -9.19
C SER B 188 16.95 12.68 -8.21
N GLY B 189 16.25 12.18 -7.18
CA GLY B 189 16.86 11.32 -6.19
C GLY B 189 17.42 12.04 -4.97
N LEU B 190 17.31 13.36 -4.92
CA LEU B 190 17.80 14.17 -3.82
C LEU B 190 16.64 14.68 -2.98
N TYR B 191 16.91 14.96 -1.71
CA TYR B 191 15.88 15.39 -0.78
C TYR B 191 15.72 16.90 -0.80
N SER B 192 14.53 17.35 -0.43
CA SER B 192 14.21 18.76 -0.35
C SER B 192 13.17 18.98 0.74
N LEU B 193 13.36 20.04 1.50
CA LEU B 193 12.40 20.44 2.52
C LEU B 193 12.42 21.96 2.65
N SER B 194 11.48 22.47 3.41
CA SER B 194 11.45 23.88 3.75
C SER B 194 11.34 24.03 5.25
N SER B 195 11.92 25.10 5.75
CA SER B 195 11.80 25.49 7.14
C SER B 195 11.31 26.92 7.15
N VAL B 196 10.17 27.15 7.78
CA VAL B 196 9.56 28.46 7.77
C VAL B 196 9.40 28.92 9.21
N VAL B 197 9.31 30.23 9.37
CA VAL B 197 9.00 30.83 10.66
C VAL B 197 8.15 32.06 10.39
N THR B 198 7.12 32.23 11.21
CA THR B 198 6.30 33.43 11.21
C THR B 198 6.78 34.33 12.34
N VAL B 199 7.03 35.59 12.02
CA VAL B 199 7.54 36.57 12.97
C VAL B 199 6.66 37.81 12.88
N PRO B 200 6.65 38.63 13.92
CA PRO B 200 5.94 39.92 13.81
C PRO B 200 6.63 40.78 12.77
N SER B 201 5.83 41.36 11.87
CA SER B 201 6.41 42.12 10.76
C SER B 201 7.21 43.32 11.24
N SER B 202 6.80 43.92 12.36
CA SER B 202 7.57 45.00 12.97
C SER B 202 9.02 44.60 13.20
N SER B 203 9.28 43.31 13.46
CA SER B 203 10.63 42.86 13.77
C SER B 203 11.50 42.72 12.53
N LEU B 204 10.95 42.88 11.32
CA LEU B 204 11.75 42.71 10.11
C LEU B 204 12.88 43.74 10.06
N GLY B 205 12.62 44.96 10.56
CA GLY B 205 13.70 45.92 10.73
C GLY B 205 14.61 45.58 11.90
N THR B 206 14.02 45.15 13.03
CA THR B 206 14.77 44.99 14.27
C THR B 206 15.62 43.71 14.25
N GLN B 207 15.06 42.60 13.80
CA GLN B 207 15.62 41.28 14.03
C GLN B 207 16.29 40.74 12.77
N THR B 208 17.53 40.26 12.92
CA THR B 208 18.18 39.50 11.85
C THR B 208 17.65 38.07 11.87
N TYR B 209 17.41 37.52 10.68
CA TYR B 209 16.88 36.16 10.54
C TYR B 209 17.80 35.32 9.67
N VAL B 210 18.43 34.33 10.28
CA VAL B 210 19.38 33.45 9.63
C VAL B 210 18.94 32.02 9.85
N CYS B 211 18.90 31.24 8.77
CA CYS B 211 18.68 29.81 8.91
C CYS B 211 20.03 29.11 8.82
N ASN B 212 20.24 28.17 9.72
CA ASN B 212 21.47 27.38 9.79
C ASN B 212 21.13 25.93 9.48
N VAL B 213 21.72 25.41 8.43
CA VAL B 213 21.50 24.03 8.01
C VAL B 213 22.77 23.24 8.26
N ASN B 214 22.61 22.09 8.90
CA ASN B 214 23.72 21.20 9.20
C ASN B 214 23.43 19.86 8.52
N HIS B 215 24.36 19.42 7.67
CA HIS B 215 24.28 18.13 6.99
C HIS B 215 25.56 17.36 7.30
N LYS B 216 25.48 16.46 8.27
CA LYS B 216 26.64 15.72 8.75
C LYS B 216 27.18 14.70 7.75
N PRO B 217 26.36 14.01 6.94
CA PRO B 217 26.94 13.07 5.98
C PRO B 217 27.91 13.68 4.98
N SER B 218 27.71 14.93 4.58
CA SER B 218 28.66 15.60 3.70
C SER B 218 29.52 16.60 4.45
N ASN B 219 29.43 16.60 5.78
CA ASN B 219 30.12 17.55 6.65
C ASN B 219 29.99 18.99 6.17
N THR B 220 28.74 19.40 5.93
CA THR B 220 28.43 20.74 5.46
C THR B 220 27.61 21.51 6.50
N LYS B 221 27.95 22.79 6.66
CA LYS B 221 27.14 23.74 7.42
C LYS B 221 26.91 24.94 6.53
N VAL B 222 25.65 25.35 6.39
CA VAL B 222 25.28 26.50 5.58
C VAL B 222 24.54 27.48 6.47
N ASP B 223 24.92 28.75 6.40
CA ASP B 223 24.23 29.82 7.09
C ASP B 223 23.71 30.76 6.03
N LYS B 224 22.40 31.02 6.03
CA LYS B 224 21.78 31.84 5.02
C LYS B 224 20.96 32.91 5.71
N ARG B 225 21.33 34.18 5.51
CA ARG B 225 20.52 35.26 6.05
C ARG B 225 19.33 35.46 5.12
N VAL B 226 18.14 35.58 5.72
CA VAL B 226 16.90 35.78 4.98
C VAL B 226 16.51 37.23 5.13
N GLU B 227 16.63 37.98 4.04
CA GLU B 227 16.25 39.39 4.02
C GLU B 227 15.12 39.60 3.03
N ILE B 228 14.45 40.74 3.15
CA ILE B 228 13.32 41.10 2.28
C ILE B 228 13.75 41.31 0.83
N GLN C 1 -7.39 -3.90 -32.20
CA GLN C 1 -7.45 -3.45 -30.80
C GLN C 1 -8.70 -2.62 -30.55
N VAL C 2 -9.44 -2.98 -29.51
CA VAL C 2 -10.68 -2.29 -29.17
C VAL C 2 -10.36 -0.92 -28.58
N GLN C 3 -11.37 -0.06 -28.48
CA GLN C 3 -11.16 1.28 -27.96
C GLN C 3 -10.69 1.21 -26.51
N LEU C 4 -9.71 2.04 -26.20
CA LEU C 4 -9.10 2.14 -24.87
C LEU C 4 -8.40 0.86 -24.45
N GLN C 5 -8.00 0.02 -25.40
CA GLN C 5 -7.13 -1.09 -25.09
C GLN C 5 -5.72 -0.56 -24.92
N VAL C 6 -5.10 -0.89 -23.78
CA VAL C 6 -3.75 -0.44 -23.46
C VAL C 6 -2.76 -1.51 -23.88
N SER C 7 -1.68 -1.11 -24.52
CA SER C 7 -0.63 -2.03 -24.93
C SER C 7 0.75 -1.45 -24.63
N GLY C 8 1.75 -2.32 -24.65
CA GLY C 8 3.09 -1.94 -24.32
C GLY C 8 3.80 -3.07 -23.65
N PRO C 9 5.03 -2.85 -23.23
CA PRO C 9 5.77 -3.92 -22.55
C PRO C 9 5.15 -4.26 -21.21
N GLY C 10 5.03 -5.56 -20.94
CA GLY C 10 4.55 -6.05 -19.67
C GLY C 10 5.58 -6.08 -18.58
N VAL C 11 6.84 -5.86 -18.93
CA VAL C 11 7.92 -5.82 -17.95
C VAL C 11 8.75 -4.57 -18.19
N VAL C 12 9.02 -3.83 -17.11
CA VAL C 12 9.92 -2.68 -17.15
C VAL C 12 10.98 -2.91 -16.09
N ARG C 13 12.24 -2.69 -16.46
CA ARG C 13 13.31 -2.85 -15.49
C ARG C 13 13.32 -1.68 -14.52
N PRO C 14 13.71 -1.92 -13.28
CA PRO C 14 13.72 -0.83 -12.30
C PRO C 14 14.60 0.33 -12.77
N SER C 15 14.17 1.53 -12.40
CA SER C 15 14.83 2.79 -12.73
C SER C 15 14.64 3.19 -14.18
N GLU C 16 14.02 2.34 -15.01
CA GLU C 16 13.81 2.70 -16.39
C GLU C 16 12.40 3.28 -16.59
N THR C 17 12.04 3.53 -17.85
CA THR C 17 10.82 4.24 -18.19
C THR C 17 9.78 3.24 -18.70
N LEU C 18 8.72 3.08 -17.94
CA LEU C 18 7.53 2.38 -18.41
C LEU C 18 6.89 3.20 -19.52
N SER C 19 6.52 2.55 -20.62
CA SER C 19 5.90 3.26 -21.73
C SER C 19 4.73 2.45 -22.26
N LEU C 20 3.53 3.05 -22.23
CA LEU C 20 2.30 2.40 -22.64
C LEU C 20 1.55 3.28 -23.62
N THR C 21 0.78 2.63 -24.48
CA THR C 21 -0.08 3.34 -25.42
C THR C 21 -1.50 2.82 -25.25
N CYS C 22 -2.46 3.64 -25.66
CA CYS C 22 -3.87 3.37 -25.47
C CYS C 22 -4.63 3.79 -26.72
N GLU C 23 -5.52 2.92 -27.19
CA GLU C 23 -6.24 3.12 -28.43
C GLU C 23 -7.37 4.12 -28.20
N VAL C 24 -7.23 5.33 -28.75
CA VAL C 24 -8.23 6.37 -28.65
C VAL C 24 -8.62 6.78 -30.05
N SER C 25 -9.72 7.51 -30.16
CA SER C 25 -10.19 7.99 -31.45
C SER C 25 -10.62 9.46 -31.35
N SER C 26 -10.83 10.08 -32.50
CA SER C 26 -11.33 11.44 -32.50
C SER C 26 -12.84 11.47 -32.30
N GLY C 27 -13.37 12.65 -32.03
CA GLY C 27 -14.80 12.84 -31.91
C GLY C 27 -15.52 12.76 -33.26
N SER C 28 -16.84 12.81 -33.18
CA SER C 28 -17.68 12.81 -34.38
C SER C 28 -17.99 14.21 -34.89
N THR C 29 -17.79 15.23 -34.06
CA THR C 29 -17.96 16.63 -34.41
C THR C 29 -16.59 17.32 -34.31
N SER C 30 -16.45 18.46 -34.99
CA SER C 30 -15.22 19.25 -34.86
C SER C 30 -15.13 19.94 -33.51
N ARG C 31 -16.25 20.00 -32.78
CA ARG C 31 -16.33 20.55 -31.43
C ARG C 31 -16.08 19.52 -30.33
N ASP C 32 -16.14 18.22 -30.64
CA ASP C 32 -16.00 17.17 -29.65
C ASP C 32 -14.60 17.16 -29.04
N PHE C 33 -14.54 17.05 -27.72
CA PHE C 33 -13.27 16.77 -27.05
C PHE C 33 -13.53 15.90 -25.84
N PHE C 34 -12.63 14.95 -25.60
CA PHE C 34 -12.73 14.05 -24.47
C PHE C 34 -11.66 14.38 -23.44
N TYR C 35 -11.84 13.87 -22.25
CA TYR C 35 -10.77 13.85 -21.26
C TYR C 35 -10.30 12.42 -21.14
N TRP C 36 -9.05 12.18 -21.53
CA TRP C 36 -8.43 10.88 -21.49
C TRP C 36 -7.57 10.76 -20.24
N SER C 37 -7.72 9.65 -19.52
CA SER C 37 -7.05 9.45 -18.24
C SER C 37 -6.30 8.12 -18.24
N TRP C 38 -5.13 8.12 -17.61
CA TRP C 38 -4.46 6.90 -17.19
C TRP C 38 -4.75 6.68 -15.72
N VAL C 39 -5.24 5.48 -15.40
CA VAL C 39 -5.53 5.00 -14.06
C VAL C 39 -4.81 3.68 -13.86
N ARG C 40 -4.44 3.36 -12.62
CA ARG C 40 -3.79 2.08 -12.38
C ARG C 40 -4.33 1.45 -11.10
N GLN C 41 -4.24 0.12 -11.06
CA GLN C 41 -4.79 -0.69 -9.98
C GLN C 41 -3.70 -1.61 -9.48
N THR C 42 -3.48 -1.61 -8.17
CA THR C 42 -2.44 -2.37 -7.50
C THR C 42 -3.07 -3.31 -6.48
N PRO C 43 -2.30 -4.31 -5.99
CA PRO C 43 -2.87 -5.24 -5.00
C PRO C 43 -3.20 -4.60 -3.66
N GLY C 44 -2.22 -3.91 -3.05
CA GLY C 44 -2.41 -3.34 -1.73
C GLY C 44 -3.23 -2.07 -1.78
N LYS C 45 -2.82 -1.14 -2.64
CA LYS C 45 -3.54 0.10 -2.84
C LYS C 45 -4.66 -0.17 -3.84
N GLY C 46 -5.69 0.67 -3.83
CA GLY C 46 -6.77 0.42 -4.76
C GLY C 46 -6.46 0.97 -6.13
N LEU C 47 -7.41 1.71 -6.70
CA LEU C 47 -7.22 2.32 -7.99
C LEU C 47 -6.61 3.70 -7.77
N GLU C 48 -5.68 4.07 -8.65
CA GLU C 48 -4.92 5.30 -8.54
C GLU C 48 -4.94 6.02 -9.88
N TRP C 49 -5.50 7.22 -9.89
CA TRP C 49 -5.50 8.02 -11.10
C TRP C 49 -4.09 8.57 -11.35
N ILE C 50 -3.52 8.21 -12.51
CA ILE C 50 -2.15 8.59 -12.85
C ILE C 50 -2.11 9.99 -13.45
N GLY C 51 -2.96 10.24 -14.44
CA GLY C 51 -2.94 11.56 -15.06
C GLY C 51 -3.89 11.59 -16.24
N GLY C 52 -3.95 12.72 -16.91
CA GLY C 52 -4.85 12.79 -18.04
C GLY C 52 -4.75 14.07 -18.81
N MET C 53 -5.49 14.13 -19.92
CA MET C 53 -5.47 15.36 -20.72
C MET C 53 -6.73 15.42 -21.58
N TYR C 54 -7.13 16.62 -21.90
CA TYR C 54 -8.23 16.73 -22.86
C TYR C 54 -7.59 16.48 -24.22
N SER C 55 -8.36 15.96 -25.16
CA SER C 55 -7.98 15.83 -26.55
C SER C 55 -7.90 17.18 -27.26
N ASN C 56 -8.48 18.22 -26.67
CA ASN C 56 -8.46 19.57 -27.22
C ASN C 56 -7.07 20.21 -27.15
N SER C 57 -6.31 19.91 -26.10
CA SER C 57 -5.09 20.71 -25.83
C SER C 57 -3.78 19.95 -25.69
N GLU C 58 -2.74 20.70 -25.37
CA GLU C 58 -1.39 20.17 -25.17
C GLU C 58 -1.07 20.12 -23.67
N GLU C 59 -1.96 20.59 -22.81
CA GLU C 59 -1.76 20.60 -21.34
C GLU C 59 -2.14 19.26 -20.73
N THR C 60 -1.56 18.90 -19.59
CA THR C 60 -1.86 17.61 -18.91
C THR C 60 -2.03 17.79 -17.40
N ASN C 61 -2.79 16.92 -16.77
CA ASN C 61 -2.84 16.89 -15.32
C ASN C 61 -2.28 15.55 -14.87
N HIS C 62 -1.50 15.54 -13.80
CA HIS C 62 -0.99 14.28 -13.30
C HIS C 62 -1.10 14.27 -11.78
N ASN C 63 -0.88 13.14 -11.22
CA ASN C 63 -1.03 12.98 -9.78
C ASN C 63 0.29 13.31 -9.06
N PRO C 64 0.26 14.20 -8.06
CA PRO C 64 1.50 14.53 -7.34
C PRO C 64 2.15 13.33 -6.67
N SER C 65 1.38 12.29 -6.37
CA SER C 65 1.96 11.09 -5.77
C SER C 65 2.98 10.42 -6.70
N LEU C 66 2.97 10.74 -7.99
CA LEU C 66 3.89 10.13 -8.93
C LEU C 66 5.09 11.03 -9.21
N LYS C 67 5.10 12.22 -8.60
CA LYS C 67 6.31 13.04 -8.42
C LYS C 67 6.97 13.47 -9.72
N SER C 68 6.19 14.09 -10.61
CA SER C 68 6.74 14.67 -11.85
C SER C 68 7.42 13.63 -12.73
N ARG C 69 7.01 12.36 -12.62
CA ARG C 69 7.58 11.30 -13.42
C ARG C 69 6.68 10.90 -14.59
N VAL C 70 5.51 11.52 -14.75
CA VAL C 70 4.57 11.10 -15.79
C VAL C 70 4.71 12.01 -17.00
N ILE C 71 4.77 11.39 -18.17
CA ILE C 71 4.79 12.03 -19.48
C ILE C 71 3.56 11.50 -20.18
N ILE C 72 2.54 12.35 -20.35
CA ILE C 72 1.29 11.97 -21.01
C ILE C 72 1.19 12.75 -22.31
N SER C 73 0.96 12.04 -23.41
CA SER C 73 0.92 12.65 -24.74
C SER C 73 -0.25 12.06 -25.51
N LYS C 74 -0.52 12.66 -26.67
CA LYS C 74 -1.55 12.14 -27.57
C LYS C 74 -1.05 12.28 -29.00
N ASP C 75 -1.49 11.34 -29.85
CA ASP C 75 -1.46 11.50 -31.31
C ASP C 75 -2.77 10.88 -31.78
N THR C 76 -3.81 11.71 -31.86
CA THR C 76 -5.11 11.23 -32.27
C THR C 76 -5.08 10.70 -33.70
N SER C 77 -4.22 11.28 -34.55
CA SER C 77 -4.07 10.79 -35.91
C SER C 77 -3.72 9.29 -35.94
N LYS C 78 -2.92 8.83 -34.97
CA LYS C 78 -2.54 7.43 -34.86
C LYS C 78 -3.32 6.66 -33.81
N ASN C 79 -4.43 7.22 -33.33
CA ASN C 79 -5.24 6.57 -32.30
C ASN C 79 -4.40 6.24 -31.07
N GLU C 80 -3.54 7.17 -30.67
CA GLU C 80 -2.59 6.92 -29.60
C GLU C 80 -2.79 7.92 -28.47
N PHE C 81 -2.95 7.40 -27.27
CA PHE C 81 -2.87 8.18 -26.04
C PHE C 81 -1.78 7.51 -25.23
N SER C 82 -0.73 8.24 -24.88
CA SER C 82 0.47 7.58 -24.39
C SER C 82 0.80 8.02 -22.97
N LEU C 83 1.32 7.06 -22.19
CA LEU C 83 1.83 7.28 -20.85
C LEU C 83 3.28 6.82 -20.77
N ARG C 84 4.13 7.61 -20.14
CA ARG C 84 5.51 7.26 -19.83
C ARG C 84 5.76 7.54 -18.36
N LEU C 85 6.17 6.54 -17.62
CA LEU C 85 6.49 6.69 -16.21
C LEU C 85 7.99 6.45 -16.05
N THR C 86 8.74 7.48 -15.68
CA THR C 86 10.19 7.37 -15.52
C THR C 86 10.59 6.97 -14.10
N SER C 87 11.86 6.58 -13.96
CA SER C 87 12.46 6.26 -12.65
C SER C 87 11.62 5.23 -11.90
N VAL C 88 11.15 4.24 -12.65
CA VAL C 88 10.14 3.32 -12.15
C VAL C 88 10.73 2.35 -11.13
N THR C 89 9.96 2.07 -10.06
CA THR C 89 10.28 1.08 -9.03
C THR C 89 9.11 0.10 -8.88
N ALA C 90 9.25 -0.85 -7.96
CA ALA C 90 8.23 -1.89 -7.81
C ALA C 90 6.86 -1.34 -7.40
N ALA C 91 6.79 -0.15 -6.81
CA ALA C 91 5.50 0.46 -6.47
C ALA C 91 4.67 0.83 -7.70
N ASP C 92 5.27 0.79 -8.89
CA ASP C 92 4.61 1.07 -10.15
C ASP C 92 4.08 -0.19 -10.83
N THR C 93 4.27 -1.35 -10.23
CA THR C 93 3.67 -2.58 -10.73
C THR C 93 2.17 -2.48 -10.55
N ALA C 94 1.42 -2.65 -11.63
CA ALA C 94 -0.02 -2.44 -11.56
C ALA C 94 -0.67 -2.89 -12.86
N VAL C 95 -2.00 -2.95 -12.83
CA VAL C 95 -2.79 -3.05 -14.06
C VAL C 95 -3.13 -1.62 -14.46
N TYR C 96 -2.80 -1.26 -15.70
CA TYR C 96 -2.97 0.09 -16.20
C TYR C 96 -4.18 0.14 -17.14
N PHE C 97 -5.03 1.14 -16.95
CA PHE C 97 -6.21 1.40 -17.74
C PHE C 97 -6.16 2.82 -18.30
N CYS C 98 -6.86 3.04 -19.41
CA CYS C 98 -7.22 4.39 -19.82
C CYS C 98 -8.73 4.54 -19.79
N SER C 99 -9.17 5.74 -19.47
CA SER C 99 -10.58 6.05 -19.46
C SER C 99 -10.83 7.30 -20.30
N SER C 100 -12.04 7.38 -20.84
CA SER C 100 -12.50 8.53 -21.59
C SER C 100 -13.74 9.09 -20.91
N ARG C 101 -13.69 10.37 -20.63
CA ARG C 101 -14.76 11.09 -19.91
C ARG C 101 -15.23 12.30 -20.71
N ALA C 102 -16.54 12.41 -20.90
CA ALA C 102 -17.07 13.57 -21.60
C ALA C 102 -18.55 13.72 -21.25
N LYS C 103 -19.00 14.97 -21.12
CA LYS C 103 -20.42 15.22 -20.99
C LYS C 103 -21.07 15.25 -22.37
N ILE C 104 -22.33 14.86 -22.44
CA ILE C 104 -23.03 14.71 -23.71
C ILE C 104 -24.01 15.85 -23.87
N TYR C 105 -23.83 16.66 -24.92
CA TYR C 105 -24.67 17.84 -25.13
C TYR C 105 -25.58 17.63 -26.34
N TYR C 106 -26.81 17.28 -26.07
CA TYR C 106 -27.74 17.08 -27.14
C TYR C 106 -28.21 18.40 -27.67
N SER C 107 -28.19 19.38 -26.81
CA SER C 107 -28.46 20.75 -27.17
C SER C 107 -27.48 21.53 -26.36
N ALA C 108 -26.99 22.62 -26.89
CA ALA C 108 -26.10 23.40 -26.07
C ALA C 108 -27.01 24.36 -25.35
N SER C 109 -27.35 23.90 -24.18
CA SER C 109 -28.16 24.60 -23.27
C SER C 109 -27.71 23.84 -22.04
N TYR C 110 -28.09 22.56 -22.02
CA TYR C 110 -27.81 21.66 -20.92
C TYR C 110 -27.13 20.37 -21.31
N SER C 111 -26.48 19.73 -20.35
CA SER C 111 -25.81 18.48 -20.62
C SER C 111 -26.79 17.41 -20.23
N GLY C 112 -27.03 16.52 -21.14
CA GLY C 112 -28.00 15.52 -20.91
C GLY C 112 -27.44 14.18 -20.66
N GLY C 113 -26.18 14.11 -20.38
CA GLY C 113 -25.57 12.84 -20.14
C GLY C 113 -24.10 12.84 -19.96
N ARG C 114 -23.57 11.66 -19.79
CA ARG C 114 -22.19 11.46 -19.49
C ARG C 114 -21.64 10.19 -20.06
N ILE C 115 -20.37 10.21 -20.36
CA ILE C 115 -19.66 9.04 -20.83
C ILE C 115 -18.45 8.94 -19.98
N ASP C 116 -18.24 7.80 -19.34
CA ASP C 116 -17.07 7.53 -18.52
C ASP C 116 -16.79 6.08 -18.75
N VAL C 117 -15.94 5.79 -19.72
CA VAL C 117 -15.71 4.42 -20.17
C VAL C 117 -14.24 4.08 -19.98
N TRP C 118 -13.98 2.83 -19.58
CA TRP C 118 -12.64 2.31 -19.40
C TRP C 118 -12.39 1.19 -20.39
N GLY C 119 -11.15 1.06 -20.86
CA GLY C 119 -10.82 -0.04 -21.75
C GLY C 119 -10.20 -1.20 -20.98
N PRO C 120 -9.90 -2.29 -21.68
CA PRO C 120 -9.24 -3.42 -21.00
C PRO C 120 -7.83 -3.04 -20.56
N GLY C 121 -7.49 -3.42 -19.33
CA GLY C 121 -6.22 -3.06 -18.75
C GLY C 121 -5.08 -3.97 -19.14
N LEU C 122 -3.86 -3.52 -18.85
CA LEU C 122 -2.65 -4.28 -19.13
C LEU C 122 -1.82 -4.36 -17.87
N LEU C 123 -1.45 -5.57 -17.47
CA LEU C 123 -0.57 -5.76 -16.32
C LEU C 123 0.85 -5.40 -16.70
N VAL C 124 1.45 -4.49 -15.95
CA VAL C 124 2.85 -4.13 -16.12
C VAL C 124 3.55 -4.38 -14.79
N THR C 125 4.59 -5.18 -14.84
CA THR C 125 5.37 -5.54 -13.67
C THR C 125 6.76 -4.90 -13.74
N VAL C 126 7.22 -4.43 -12.60
CA VAL C 126 8.51 -3.79 -12.49
C VAL C 126 9.42 -4.75 -11.77
N SER C 127 10.36 -5.34 -12.50
CA SER C 127 11.33 -6.21 -11.87
C SER C 127 12.49 -6.37 -12.83
N SER C 128 13.61 -6.83 -12.28
CA SER C 128 14.79 -7.13 -13.06
C SER C 128 14.85 -8.59 -13.45
N ALA C 129 13.83 -9.38 -13.14
CA ALA C 129 13.84 -10.80 -13.45
C ALA C 129 13.84 -11.02 -14.97
N SER C 130 14.56 -12.04 -15.41
CA SER C 130 14.58 -12.36 -16.82
C SER C 130 13.35 -13.16 -17.20
N THR C 131 12.94 -13.02 -18.45
CA THR C 131 11.86 -13.84 -18.97
C THR C 131 12.29 -15.28 -18.84
N LYS C 132 11.46 -16.09 -18.19
CA LYS C 132 11.84 -17.46 -17.94
C LYS C 132 10.62 -18.36 -18.03
N GLY C 133 10.77 -19.48 -18.71
CA GLY C 133 9.71 -20.44 -18.85
C GLY C 133 9.44 -21.20 -17.56
N PRO C 134 8.22 -21.73 -17.43
CA PRO C 134 7.88 -22.44 -16.20
C PRO C 134 8.37 -23.87 -16.23
N SER C 135 8.62 -24.40 -15.05
CA SER C 135 8.79 -25.82 -14.83
C SER C 135 7.45 -26.38 -14.35
N VAL C 136 7.02 -27.49 -14.92
CA VAL C 136 5.71 -28.07 -14.60
C VAL C 136 5.94 -29.37 -13.84
N PHE C 137 5.38 -29.45 -12.63
CA PHE C 137 5.52 -30.63 -11.77
C PHE C 137 4.17 -31.25 -11.45
N PRO C 138 4.02 -32.56 -11.51
CA PRO C 138 2.72 -33.17 -11.20
C PRO C 138 2.47 -33.12 -9.70
N LEU C 139 1.20 -32.84 -9.35
CA LEU C 139 0.67 -32.96 -8.00
C LEU C 139 -0.17 -34.22 -8.03
N ALA C 140 0.42 -35.32 -7.57
CA ALA C 140 -0.20 -36.61 -7.83
C ALA C 140 -1.25 -36.97 -6.78
N PRO C 141 -2.34 -37.57 -7.26
CA PRO C 141 -3.38 -38.07 -6.35
C PRO C 141 -2.98 -39.34 -5.62
N SER C 142 -3.51 -39.50 -4.41
CA SER C 142 -3.37 -40.73 -3.60
C SER C 142 -4.15 -40.60 -2.29
N SER C 147 -8.70 -43.14 -0.01
CA SER C 147 -9.40 -43.86 -1.07
C SER C 147 -10.91 -43.70 -0.94
N GLU C 148 -11.45 -42.60 -1.50
CA GLU C 148 -12.88 -42.33 -1.46
C GLU C 148 -13.45 -42.13 -2.87
N SER C 149 -14.65 -41.56 -2.95
CA SER C 149 -15.32 -41.36 -4.23
C SER C 149 -14.56 -40.36 -5.09
N THR C 150 -13.95 -39.36 -4.49
CA THR C 150 -13.34 -38.25 -5.21
C THR C 150 -11.87 -38.16 -4.86
N ALA C 151 -11.04 -37.91 -5.89
CA ALA C 151 -9.62 -37.66 -5.73
C ALA C 151 -9.26 -36.31 -6.31
N ALA C 152 -8.16 -35.75 -5.83
CA ALA C 152 -7.67 -34.47 -6.33
C ALA C 152 -6.30 -34.67 -6.96
N LEU C 153 -6.09 -34.07 -8.12
CA LEU C 153 -4.78 -34.10 -8.76
C LEU C 153 -4.53 -32.75 -9.38
N GLY C 154 -3.31 -32.51 -9.83
CA GLY C 154 -3.04 -31.24 -10.44
C GLY C 154 -1.62 -31.13 -10.93
N CYS C 155 -1.24 -29.90 -11.23
CA CYS C 155 0.13 -29.65 -11.66
C CYS C 155 0.53 -28.26 -11.19
N LEU C 156 1.81 -28.14 -10.88
CA LEU C 156 2.40 -26.92 -10.35
C LEU C 156 3.21 -26.26 -11.46
N VAL C 157 2.89 -25.01 -11.75
CA VAL C 157 3.56 -24.22 -12.77
C VAL C 157 4.45 -23.24 -12.01
N LYS C 158 5.77 -23.51 -11.97
CA LYS C 158 6.71 -22.84 -11.09
C LYS C 158 7.75 -22.03 -11.84
N ASP C 159 8.21 -20.96 -11.20
CA ASP C 159 9.41 -20.22 -11.59
C ASP C 159 9.36 -19.80 -13.05
N TYR C 160 8.36 -18.99 -13.36
CA TYR C 160 8.22 -18.40 -14.69
C TYR C 160 8.07 -16.89 -14.53
N PHE C 161 8.34 -16.21 -15.64
CA PHE C 161 8.24 -14.76 -15.69
C PHE C 161 8.22 -14.35 -17.15
N PRO C 162 7.39 -13.38 -17.54
CA PRO C 162 6.43 -12.75 -16.67
C PRO C 162 5.07 -13.44 -16.76
N GLU C 163 4.05 -12.79 -16.22
CA GLU C 163 2.69 -13.21 -16.46
C GLU C 163 2.29 -12.91 -17.91
N PRO C 164 1.34 -13.67 -18.48
CA PRO C 164 0.62 -14.78 -17.86
C PRO C 164 0.97 -16.16 -18.40
N VAL C 165 0.38 -17.19 -17.79
CA VAL C 165 0.39 -18.54 -18.31
C VAL C 165 -1.07 -18.99 -18.45
N THR C 166 -1.31 -19.85 -19.44
CA THR C 166 -2.59 -20.51 -19.64
C THR C 166 -2.45 -21.97 -19.25
N VAL C 167 -3.39 -22.45 -18.45
CA VAL C 167 -3.44 -23.86 -18.10
C VAL C 167 -4.77 -24.42 -18.57
N SER C 168 -4.70 -25.52 -19.30
CA SER C 168 -5.88 -26.27 -19.66
C SER C 168 -5.65 -27.71 -19.22
N TRP C 169 -6.72 -28.48 -19.17
CA TRP C 169 -6.63 -29.90 -18.84
C TRP C 169 -7.16 -30.69 -20.01
N ASN C 170 -6.41 -31.69 -20.44
CA ASN C 170 -6.77 -32.53 -21.57
C ASN C 170 -7.10 -31.67 -22.80
N SER C 171 -6.22 -30.71 -23.08
CA SER C 171 -6.31 -29.82 -24.25
C SER C 171 -7.63 -29.04 -24.27
N GLY C 172 -8.09 -28.63 -23.09
CA GLY C 172 -9.34 -27.91 -22.94
C GLY C 172 -10.58 -28.78 -22.87
N SER C 173 -10.47 -30.08 -23.17
CA SER C 173 -11.65 -30.92 -23.14
C SER C 173 -12.16 -31.10 -21.72
N LEU C 174 -11.26 -31.14 -20.74
CA LEU C 174 -11.62 -31.28 -19.33
C LEU C 174 -11.73 -29.90 -18.69
N THR C 175 -12.94 -29.53 -18.28
CA THR C 175 -13.18 -28.21 -17.68
C THR C 175 -13.94 -28.33 -16.36
N SER C 176 -14.69 -29.41 -16.20
CA SER C 176 -15.47 -29.58 -14.98
C SER C 176 -14.56 -29.89 -13.79
N GLY C 177 -14.76 -29.15 -12.70
CA GLY C 177 -14.01 -29.38 -11.48
C GLY C 177 -12.59 -28.88 -11.53
N VAL C 178 -12.24 -28.06 -12.50
CA VAL C 178 -10.88 -27.53 -12.62
C VAL C 178 -10.81 -26.20 -11.90
N HIS C 179 -9.79 -26.05 -11.05
CA HIS C 179 -9.48 -24.80 -10.37
C HIS C 179 -8.05 -24.44 -10.71
N THR C 180 -7.87 -23.37 -11.48
CA THR C 180 -6.57 -22.82 -11.76
C THR C 180 -6.42 -21.56 -10.92
N PHE C 181 -5.46 -21.57 -9.98
CA PHE C 181 -5.37 -20.48 -9.02
C PHE C 181 -4.63 -19.27 -9.60
N PRO C 182 -4.92 -18.08 -9.09
CA PRO C 182 -4.12 -16.91 -9.49
C PRO C 182 -2.64 -17.13 -9.17
N ALA C 183 -1.79 -16.65 -10.05
CA ALA C 183 -0.36 -16.72 -9.79
C ALA C 183 -0.03 -15.91 -8.55
N VAL C 184 1.02 -16.33 -7.84
CA VAL C 184 1.54 -15.54 -6.74
C VAL C 184 2.98 -15.19 -7.09
N LEU C 185 3.34 -13.95 -6.82
CA LEU C 185 4.70 -13.50 -7.03
C LEU C 185 5.53 -14.03 -5.88
N GLN C 186 6.59 -14.76 -6.19
CA GLN C 186 7.46 -15.30 -5.17
C GLN C 186 8.56 -14.29 -4.87
N SER C 187 9.11 -14.40 -3.65
CA SER C 187 10.17 -13.47 -3.25
C SER C 187 11.31 -13.46 -4.24
N SER C 188 11.57 -14.59 -4.90
CA SER C 188 12.63 -14.65 -5.90
C SER C 188 12.34 -13.79 -7.14
N GLY C 189 11.13 -13.24 -7.27
CA GLY C 189 10.75 -12.48 -8.44
C GLY C 189 10.10 -13.30 -9.53
N LEU C 190 9.95 -14.61 -9.34
CA LEU C 190 9.32 -15.46 -10.32
C LEU C 190 7.95 -15.89 -9.79
N TYR C 191 7.05 -16.16 -10.72
CA TYR C 191 5.66 -16.51 -10.44
C TYR C 191 5.51 -18.02 -10.31
N SER C 192 4.48 -18.41 -9.55
CA SER C 192 4.17 -19.81 -9.39
C SER C 192 2.67 -19.92 -9.14
N LEU C 193 2.05 -20.93 -9.72
CA LEU C 193 0.64 -21.20 -9.48
C LEU C 193 0.42 -22.71 -9.55
N SER C 194 -0.79 -23.13 -9.20
CA SER C 194 -1.19 -24.53 -9.34
C SER C 194 -2.53 -24.61 -10.06
N SER C 195 -2.72 -25.72 -10.75
CA SER C 195 -4.02 -26.01 -11.35
C SER C 195 -4.43 -27.41 -10.92
N VAL C 196 -5.58 -27.53 -10.29
CA VAL C 196 -6.04 -28.81 -9.78
C VAL C 196 -7.37 -29.17 -10.40
N VAL C 197 -7.65 -30.45 -10.42
CA VAL C 197 -8.93 -30.98 -10.86
C VAL C 197 -9.30 -32.12 -9.93
N THR C 198 -10.58 -32.18 -9.55
CA THR C 198 -11.11 -33.29 -8.79
C THR C 198 -11.79 -34.23 -9.78
N VAL C 199 -11.45 -35.51 -9.68
CA VAL C 199 -11.92 -36.53 -10.61
C VAL C 199 -12.45 -37.72 -9.82
N PRO C 200 -13.29 -38.56 -10.45
CA PRO C 200 -13.67 -39.84 -9.83
C PRO C 200 -12.49 -40.80 -9.82
N SER C 201 -12.30 -41.50 -8.68
CA SER C 201 -11.15 -42.40 -8.52
C SER C 201 -11.22 -43.53 -9.53
N SER C 202 -12.45 -44.00 -9.79
CA SER C 202 -12.69 -45.11 -10.69
C SER C 202 -12.00 -44.89 -12.00
N SER C 203 -11.91 -43.63 -12.44
CA SER C 203 -11.25 -43.25 -13.68
C SER C 203 -9.74 -43.13 -13.53
N LEU C 204 -9.19 -43.23 -12.33
CA LEU C 204 -7.76 -42.98 -12.15
C LEU C 204 -6.91 -43.95 -12.97
N GLY C 205 -7.32 -45.21 -13.08
CA GLY C 205 -6.60 -46.13 -13.94
C GLY C 205 -6.84 -45.89 -15.42
N THR C 206 -8.11 -45.70 -15.80
CA THR C 206 -8.49 -45.65 -17.21
C THR C 206 -8.24 -44.29 -17.86
N GLN C 207 -8.46 -43.19 -17.14
CA GLN C 207 -8.51 -41.86 -17.77
C GLN C 207 -7.18 -41.13 -17.67
N THR C 208 -6.74 -40.59 -18.82
CA THR C 208 -5.58 -39.72 -18.89
C THR C 208 -5.89 -38.34 -18.35
N TYR C 209 -4.94 -37.80 -17.58
CA TYR C 209 -5.01 -36.45 -17.05
C TYR C 209 -3.70 -35.75 -17.38
N VAL C 210 -3.76 -34.80 -18.30
CA VAL C 210 -2.60 -34.05 -18.75
C VAL C 210 -2.92 -32.58 -18.59
N CYS C 211 -2.03 -31.84 -17.94
CA CYS C 211 -2.20 -30.40 -17.96
C CYS C 211 -1.30 -29.80 -19.03
N ASN C 212 -1.87 -28.85 -19.77
CA ASN C 212 -1.18 -28.16 -20.85
C ASN C 212 -0.92 -26.74 -20.38
N VAL C 213 0.36 -26.39 -20.30
CA VAL C 213 0.81 -25.09 -19.83
C VAL C 213 1.35 -24.33 -21.03
N ASN C 214 0.85 -23.11 -21.21
CA ASN C 214 1.26 -22.24 -22.29
C ASN C 214 1.77 -20.93 -21.70
N HIS C 215 3.03 -20.61 -21.97
CA HIS C 215 3.64 -19.36 -21.55
C HIS C 215 4.19 -18.73 -22.82
N LYS C 216 3.40 -17.83 -23.40
CA LYS C 216 3.88 -17.23 -24.65
C LYS C 216 5.04 -16.25 -24.54
N PRO C 217 5.25 -15.52 -23.44
CA PRO C 217 6.47 -14.70 -23.40
C PRO C 217 7.75 -15.51 -23.60
N SER C 218 7.81 -16.76 -23.15
CA SER C 218 8.98 -17.62 -23.33
C SER C 218 8.81 -18.67 -24.42
N ASN C 219 7.78 -18.55 -25.27
CA ASN C 219 7.45 -19.53 -26.30
C ASN C 219 7.50 -20.96 -25.76
N THR C 220 6.90 -21.16 -24.60
CA THR C 220 6.95 -22.46 -23.91
C THR C 220 5.58 -23.10 -23.93
N LYS C 221 5.54 -24.35 -24.35
CA LYS C 221 4.36 -25.19 -24.24
C LYS C 221 4.79 -26.50 -23.61
N VAL C 222 4.15 -26.86 -22.49
CA VAL C 222 4.49 -28.06 -21.75
C VAL C 222 3.22 -28.89 -21.56
N ASP C 223 3.33 -30.19 -21.76
CA ASP C 223 2.27 -31.14 -21.45
C ASP C 223 2.78 -32.07 -20.36
N LYS C 224 2.04 -32.17 -19.25
CA LYS C 224 2.47 -32.98 -18.11
C LYS C 224 1.36 -33.95 -17.71
N ARG C 225 1.63 -35.24 -17.86
CA ARG C 225 0.69 -36.27 -17.44
C ARG C 225 0.79 -36.46 -15.95
N VAL C 226 -0.36 -36.51 -15.27
CA VAL C 226 -0.42 -36.65 -13.83
C VAL C 226 -0.76 -38.11 -13.54
N GLU C 227 0.18 -38.80 -12.92
CA GLU C 227 0.02 -40.20 -12.58
C GLU C 227 -0.01 -40.40 -11.07
N ILE C 228 -0.41 -41.60 -10.66
CA ILE C 228 -0.35 -41.99 -9.25
C ILE C 228 1.11 -42.15 -8.83
N ASP D 1 -5.14 15.79 -1.89
CA ASP D 1 -5.71 14.47 -2.08
C ASP D 1 -7.02 14.32 -1.29
N ILE D 2 -8.11 13.94 -1.97
CA ILE D 2 -9.36 13.64 -1.29
C ILE D 2 -9.41 12.13 -1.07
N GLN D 3 -9.48 11.70 0.18
CA GLN D 3 -9.57 10.27 0.45
C GLN D 3 -11.02 9.81 0.49
N MET D 4 -11.24 8.65 -0.13
CA MET D 4 -12.53 8.00 -0.22
C MET D 4 -12.42 6.73 0.62
N THR D 5 -13.23 6.65 1.66
CA THR D 5 -13.26 5.46 2.48
C THR D 5 -14.51 4.67 2.15
N GLN D 6 -14.32 3.43 1.73
CA GLN D 6 -15.41 2.55 1.37
C GLN D 6 -15.62 1.50 2.43
N SER D 7 -16.87 1.13 2.64
CA SER D 7 -17.23 0.17 3.65
C SER D 7 -18.43 -0.60 3.12
N PRO D 8 -18.47 -1.93 3.30
CA PRO D 8 -17.43 -2.80 3.88
C PRO D 8 -16.41 -3.25 2.83
N SER D 9 -15.29 -3.91 3.19
CA SER D 9 -14.39 -4.43 2.16
C SER D 9 -15.11 -5.44 1.29
N SER D 10 -15.97 -6.22 1.93
CA SER D 10 -16.67 -7.29 1.28
C SER D 10 -18.03 -7.47 1.93
N LEU D 11 -18.93 -8.09 1.19
CA LEU D 11 -20.30 -8.21 1.63
C LEU D 11 -20.87 -9.53 1.13
N SER D 12 -21.45 -10.29 2.05
CA SER D 12 -22.07 -11.58 1.75
C SER D 12 -23.57 -11.43 1.81
N ALA D 13 -24.26 -11.90 0.78
CA ALA D 13 -25.70 -11.76 0.69
C ALA D 13 -26.25 -12.91 -0.14
N SER D 14 -27.57 -13.06 -0.11
CA SER D 14 -28.26 -14.10 -0.88
C SER D 14 -28.93 -13.47 -2.08
N ILE D 15 -29.35 -14.33 -3.00
CA ILE D 15 -30.02 -13.82 -4.20
C ILE D 15 -31.36 -13.22 -3.78
N GLY D 16 -31.66 -12.04 -4.31
CA GLY D 16 -32.82 -11.26 -3.92
C GLY D 16 -32.57 -10.24 -2.83
N ASP D 17 -31.41 -10.29 -2.18
CA ASP D 17 -31.11 -9.38 -1.08
C ASP D 17 -30.95 -7.94 -1.57
N ARG D 18 -31.31 -6.99 -0.72
CA ARG D 18 -31.04 -5.58 -0.93
C ARG D 18 -29.88 -5.17 -0.05
N VAL D 19 -28.76 -4.74 -0.67
CA VAL D 19 -27.52 -4.48 0.05
C VAL D 19 -27.05 -3.06 -0.25
N THR D 20 -26.19 -2.54 0.63
CA THR D 20 -25.73 -1.15 0.56
C THR D 20 -24.23 -1.07 0.81
N VAL D 21 -23.53 -0.33 -0.03
CA VAL D 21 -22.12 0.04 0.15
C VAL D 21 -22.02 1.53 0.39
N THR D 22 -21.15 1.93 1.31
CA THR D 22 -21.03 3.31 1.74
C THR D 22 -19.64 3.84 1.44
N CYS D 23 -19.55 5.10 1.04
CA CYS D 23 -18.28 5.74 0.76
C CYS D 23 -18.36 7.12 1.42
N ARG D 24 -17.29 7.52 2.09
CA ARG D 24 -17.21 8.87 2.64
C ARG D 24 -15.96 9.57 2.09
N ALA D 25 -16.08 10.88 1.84
CA ALA D 25 -14.97 11.68 1.38
C ALA D 25 -14.35 12.45 2.53
N SER D 26 -13.02 12.63 2.46
CA SER D 26 -12.29 13.40 3.47
C SER D 26 -12.63 14.88 3.43
N GLN D 27 -13.27 15.36 2.36
CA GLN D 27 -13.74 16.73 2.29
C GLN D 27 -14.91 16.77 1.32
N GLY D 28 -15.58 17.93 1.27
CA GLY D 28 -16.76 18.08 0.45
C GLY D 28 -16.56 17.93 -1.04
N ILE D 29 -17.33 17.04 -1.67
CA ILE D 29 -17.22 16.72 -3.09
C ILE D 29 -18.57 16.93 -3.77
N ASP D 30 -19.20 18.07 -3.51
CA ASP D 30 -20.64 18.22 -3.33
C ASP D 30 -21.50 17.07 -3.89
N LYS D 31 -21.53 16.85 -5.20
CA LYS D 31 -22.22 15.65 -5.68
C LYS D 31 -21.42 14.94 -6.76
N ASP D 32 -20.16 15.33 -6.98
CA ASP D 32 -19.32 14.82 -8.07
C ASP D 32 -18.70 13.49 -7.63
N LEU D 33 -19.55 12.45 -7.62
CA LEU D 33 -19.18 11.11 -7.18
C LEU D 33 -19.88 10.06 -8.02
N SER D 34 -19.13 9.04 -8.44
CA SER D 34 -19.62 8.01 -9.33
C SER D 34 -19.37 6.63 -8.72
N TRP D 35 -20.15 5.67 -9.17
CA TRP D 35 -20.04 4.29 -8.74
C TRP D 35 -19.78 3.43 -9.96
N PHE D 36 -18.77 2.58 -9.85
CA PHE D 36 -18.33 1.65 -10.88
C PHE D 36 -18.44 0.23 -10.38
N GLN D 37 -18.68 -0.68 -11.30
CA GLN D 37 -18.64 -2.11 -11.08
C GLN D 37 -17.52 -2.71 -11.92
N GLN D 38 -16.69 -3.53 -11.28
CA GLN D 38 -15.60 -4.22 -11.97
C GLN D 38 -15.78 -5.72 -11.77
N LYS D 39 -16.04 -6.43 -12.87
CA LYS D 39 -16.08 -7.87 -12.90
C LYS D 39 -14.66 -8.44 -12.86
N PRO D 40 -14.49 -9.67 -12.37
CA PRO D 40 -13.15 -10.27 -12.33
C PRO D 40 -12.50 -10.29 -13.70
N GLY D 41 -11.32 -9.67 -13.81
CA GLY D 41 -10.62 -9.63 -15.06
C GLY D 41 -11.08 -8.57 -16.03
N LYS D 42 -12.23 -7.95 -15.81
CA LYS D 42 -12.74 -6.99 -16.78
C LYS D 42 -12.39 -5.56 -16.35
N ALA D 43 -12.74 -4.58 -17.23
CA ALA D 43 -12.55 -3.18 -16.85
C ALA D 43 -13.76 -2.67 -16.07
N PRO D 44 -13.57 -1.67 -15.21
CA PRO D 44 -14.71 -1.13 -14.46
C PRO D 44 -15.72 -0.51 -15.40
N THR D 45 -17.01 -0.65 -15.07
CA THR D 45 -18.09 -0.06 -15.85
C THR D 45 -18.92 0.89 -14.99
N LEU D 46 -19.24 2.05 -15.54
CA LEU D 46 -19.94 3.09 -14.78
C LEU D 46 -21.36 2.63 -14.44
N LEU D 47 -21.72 2.75 -13.15
CA LEU D 47 -23.08 2.51 -12.70
C LEU D 47 -23.84 3.79 -12.42
N ILE D 48 -23.27 4.67 -11.60
CA ILE D 48 -23.94 5.90 -11.20
C ILE D 48 -22.97 7.05 -11.38
N TYR D 49 -23.48 8.22 -11.75
CA TYR D 49 -22.67 9.43 -11.75
C TYR D 49 -23.48 10.55 -11.12
N THR D 50 -22.77 11.61 -10.70
CA THR D 50 -23.36 12.70 -9.92
C THR D 50 -24.20 12.16 -8.76
N ALA D 51 -23.75 11.04 -8.22
CA ALA D 51 -24.18 10.41 -6.97
C ALA D 51 -25.55 9.73 -7.02
N SER D 52 -26.38 10.06 -8.00
CA SER D 52 -27.70 9.41 -8.05
C SER D 52 -28.20 9.13 -9.44
N THR D 53 -27.47 9.53 -10.49
CA THR D 53 -27.95 9.41 -11.86
C THR D 53 -27.53 8.04 -12.40
N LEU D 54 -28.53 7.24 -12.74
CA LEU D 54 -28.29 5.90 -13.27
C LEU D 54 -27.77 6.02 -14.69
N GLN D 55 -26.62 5.40 -14.97
CA GLN D 55 -26.08 5.48 -16.31
C GLN D 55 -26.92 4.63 -17.26
N THR D 56 -27.07 5.14 -18.48
CA THR D 56 -27.81 4.44 -19.53
C THR D 56 -27.26 3.03 -19.72
N GLY D 57 -28.14 2.05 -19.68
CA GLY D 57 -27.75 0.68 -19.84
C GLY D 57 -27.66 -0.12 -18.55
N VAL D 58 -27.50 0.53 -17.39
CA VAL D 58 -27.41 -0.25 -16.16
C VAL D 58 -28.79 -0.37 -15.52
N SER D 59 -29.05 -1.54 -14.96
CA SER D 59 -30.38 -1.82 -14.45
C SER D 59 -30.69 -0.95 -13.24
N SER D 60 -31.97 -0.63 -13.09
CA SER D 60 -32.50 0.18 -11.99
C SER D 60 -32.43 -0.54 -10.65
N ARG D 61 -31.97 -1.78 -10.63
CA ARG D 61 -31.67 -2.40 -9.34
C ARG D 61 -30.57 -1.64 -8.61
N PHE D 62 -29.72 -0.93 -9.35
CA PHE D 62 -28.69 -0.10 -8.76
C PHE D 62 -29.22 1.30 -8.52
N SER D 63 -29.04 1.80 -7.31
CA SER D 63 -29.43 3.17 -7.00
C SER D 63 -28.35 3.80 -6.16
N GLY D 64 -28.22 5.11 -6.27
CA GLY D 64 -27.20 5.84 -5.54
C GLY D 64 -27.80 7.04 -4.86
N SER D 65 -27.31 7.34 -3.68
CA SER D 65 -27.76 8.53 -2.98
C SER D 65 -26.57 9.14 -2.24
N GLY D 66 -26.79 10.32 -1.70
CA GLY D 66 -25.79 10.99 -0.90
C GLY D 66 -25.38 12.33 -1.48
N SER D 67 -24.60 13.04 -0.68
CA SER D 67 -24.05 14.34 -1.07
C SER D 67 -22.97 14.73 -0.06
N GLY D 68 -22.28 15.84 -0.36
CA GLY D 68 -21.28 16.36 0.54
C GLY D 68 -20.15 15.39 0.78
N THR D 69 -20.12 14.79 1.96
CA THR D 69 -19.10 13.80 2.27
C THR D 69 -19.60 12.37 2.21
N ASP D 70 -20.91 12.13 2.27
CA ASP D 70 -21.42 10.77 2.48
C ASP D 70 -22.30 10.32 1.32
N PHE D 71 -22.00 9.12 0.81
CA PHE D 71 -22.67 8.58 -0.36
C PHE D 71 -22.88 7.09 -0.17
N SER D 72 -23.91 6.57 -0.83
CA SER D 72 -24.23 5.16 -0.75
C SER D 72 -24.67 4.64 -2.10
N LEU D 73 -24.29 3.41 -2.40
CA LEU D 73 -24.81 2.65 -3.53
C LEU D 73 -25.60 1.46 -3.00
N THR D 74 -26.83 1.30 -3.48
CA THR D 74 -27.71 0.23 -3.06
C THR D 74 -27.98 -0.68 -4.27
N ILE D 75 -27.87 -1.97 -4.04
CA ILE D 75 -28.24 -2.97 -5.04
C ILE D 75 -29.45 -3.72 -4.55
N ASN D 76 -30.54 -3.58 -5.30
CA ASN D 76 -31.80 -4.24 -5.01
C ASN D 76 -31.80 -5.57 -5.71
N ASN D 77 -32.48 -6.53 -5.12
CA ASN D 77 -32.69 -7.85 -5.74
C ASN D 77 -31.39 -8.39 -6.33
N LEU D 78 -30.45 -8.65 -5.42
CA LEU D 78 -29.12 -9.08 -5.80
C LEU D 78 -29.17 -10.30 -6.72
N GLN D 79 -28.36 -10.28 -7.78
CA GLN D 79 -28.36 -11.30 -8.82
C GLN D 79 -26.98 -11.90 -9.00
N PRO D 80 -26.88 -13.09 -9.59
CA PRO D 80 -25.55 -13.71 -9.78
C PRO D 80 -24.59 -12.86 -10.59
N GLU D 81 -25.06 -12.16 -11.61
CA GLU D 81 -24.20 -11.27 -12.38
C GLU D 81 -23.68 -10.08 -11.58
N ASP D 82 -24.19 -9.85 -10.37
CA ASP D 82 -23.75 -8.73 -9.53
C ASP D 82 -22.50 -9.05 -8.73
N VAL D 83 -21.97 -10.27 -8.83
CA VAL D 83 -20.74 -10.63 -8.14
C VAL D 83 -19.57 -9.93 -8.82
N ALA D 84 -18.99 -8.97 -8.12
CA ALA D 84 -17.98 -8.07 -8.67
C ALA D 84 -17.45 -7.24 -7.51
N THR D 85 -16.49 -6.38 -7.81
CA THR D 85 -16.03 -5.37 -6.86
C THR D 85 -16.64 -4.02 -7.26
N TYR D 86 -17.00 -3.22 -6.26
CA TYR D 86 -17.67 -1.94 -6.49
C TYR D 86 -16.83 -0.81 -5.91
N PHE D 87 -16.62 0.24 -6.72
CA PHE D 87 -15.77 1.37 -6.39
C PHE D 87 -16.54 2.67 -6.49
N CYS D 88 -16.21 3.61 -5.61
CA CYS D 88 -16.62 4.99 -5.80
C CYS D 88 -15.44 5.79 -6.38
N GLN D 89 -15.78 6.78 -7.19
CA GLN D 89 -14.82 7.65 -7.84
C GLN D 89 -15.26 9.09 -7.65
N GLN D 90 -14.41 9.89 -7.05
CA GLN D 90 -14.64 11.30 -6.88
C GLN D 90 -14.02 12.04 -8.06
N ASP D 91 -14.77 12.96 -8.62
CA ASP D 91 -14.22 13.77 -9.73
C ASP D 91 -14.47 15.24 -9.45
N PHE D 92 -14.62 15.56 -8.18
CA PHE D 92 -14.82 16.95 -7.73
C PHE D 92 -13.54 17.73 -8.00
N SER D 93 -12.40 17.10 -7.76
CA SER D 93 -11.15 17.83 -7.96
C SER D 93 -9.98 16.91 -8.30
N PHE D 94 -8.91 17.52 -8.76
CA PHE D 94 -7.67 16.78 -9.06
C PHE D 94 -6.87 16.52 -7.79
N PRO D 95 -6.29 15.14 -7.79
CA PRO D 95 -6.43 14.03 -8.72
C PRO D 95 -7.72 13.28 -8.44
N LEU D 96 -8.23 12.51 -9.40
CA LEU D 96 -9.39 11.65 -9.16
C LEU D 96 -8.99 10.61 -8.13
N THR D 97 -9.84 10.29 -7.19
CA THR D 97 -9.50 9.31 -6.16
C THR D 97 -10.61 8.29 -6.03
N PHE D 98 -10.25 7.09 -5.60
CA PHE D 98 -11.18 5.99 -5.56
C PHE D 98 -11.27 5.40 -4.16
N GLY D 99 -12.44 4.85 -3.82
CA GLY D 99 -12.55 4.08 -2.62
C GLY D 99 -11.83 2.76 -2.74
N GLY D 100 -11.62 2.12 -1.60
CA GLY D 100 -10.91 0.85 -1.56
C GLY D 100 -11.61 -0.28 -2.25
N GLY D 101 -12.91 -0.17 -2.49
CA GLY D 101 -13.60 -1.23 -3.19
C GLY D 101 -14.36 -2.13 -2.24
N THR D 102 -15.44 -2.73 -2.74
CA THR D 102 -16.25 -3.65 -1.96
C THR D 102 -16.55 -4.88 -2.80
N LYS D 103 -16.11 -6.04 -2.33
CA LYS D 103 -16.30 -7.27 -3.08
C LYS D 103 -17.59 -7.95 -2.62
N VAL D 104 -18.42 -8.34 -3.58
CA VAL D 104 -19.73 -8.91 -3.30
C VAL D 104 -19.68 -10.41 -3.60
N ASP D 105 -20.02 -11.22 -2.61
CA ASP D 105 -20.03 -12.67 -2.76
C ASP D 105 -21.36 -13.23 -2.28
N PHE D 106 -21.63 -14.48 -2.65
CA PHE D 106 -22.93 -15.08 -2.40
C PHE D 106 -22.93 -15.98 -1.19
N LYS D 107 -23.92 -15.77 -0.32
CA LYS D 107 -24.12 -16.59 0.86
C LYS D 107 -24.59 -17.97 0.46
N ARG D 108 -24.10 -18.99 1.16
CA ARG D 108 -24.60 -20.36 1.02
C ARG D 108 -24.38 -21.07 2.35
N THR D 109 -24.86 -22.30 2.43
CA THR D 109 -24.62 -23.13 3.60
C THR D 109 -23.12 -23.42 3.74
N VAL D 110 -22.67 -23.56 4.98
CA VAL D 110 -21.26 -23.84 5.25
C VAL D 110 -20.87 -25.17 4.63
N ALA D 111 -19.72 -25.21 3.94
CA ALA D 111 -19.18 -26.43 3.36
C ALA D 111 -17.73 -26.60 3.82
N ALA D 112 -17.44 -27.71 4.49
CA ALA D 112 -16.08 -27.91 4.95
C ALA D 112 -15.16 -28.18 3.76
N PRO D 113 -13.92 -27.69 3.81
CA PRO D 113 -12.98 -27.92 2.71
C PRO D 113 -12.45 -29.34 2.67
N SER D 114 -12.29 -29.88 1.47
CA SER D 114 -11.56 -31.13 1.29
C SER D 114 -10.07 -30.81 1.27
N VAL D 115 -9.32 -31.34 2.23
CA VAL D 115 -7.91 -31.00 2.37
C VAL D 115 -7.08 -32.12 1.76
N PHE D 116 -6.16 -31.75 0.87
CA PHE D 116 -5.18 -32.67 0.29
C PHE D 116 -3.78 -32.07 0.42
N ILE D 117 -2.78 -32.93 0.55
CA ILE D 117 -1.38 -32.48 0.54
C ILE D 117 -0.67 -33.21 -0.59
N PHE D 118 0.16 -32.45 -1.31
CA PHE D 118 0.89 -32.97 -2.46
C PHE D 118 2.37 -32.78 -2.16
N PRO D 119 3.08 -33.90 -1.93
CA PRO D 119 4.50 -33.80 -1.64
C PRO D 119 5.27 -33.48 -2.91
N PRO D 120 6.38 -32.80 -2.79
CA PRO D 120 7.08 -32.34 -4.00
C PRO D 120 7.53 -33.51 -4.84
N SER D 121 7.36 -33.40 -6.13
CA SER D 121 7.87 -34.46 -6.97
C SER D 121 9.39 -34.42 -6.97
N GLU D 122 9.96 -35.56 -7.39
CA GLU D 122 11.41 -35.73 -7.49
C GLU D 122 12.13 -34.56 -8.17
N ASP D 123 11.59 -34.06 -9.29
CA ASP D 123 12.27 -33.11 -10.17
C ASP D 123 12.56 -31.78 -9.52
N GLN D 124 11.80 -31.41 -8.49
CA GLN D 124 11.88 -30.07 -7.96
C GLN D 124 13.22 -29.80 -7.30
N VAL D 125 13.82 -30.79 -6.68
CA VAL D 125 15.07 -30.53 -5.93
C VAL D 125 16.17 -29.98 -6.82
N LYS D 126 16.26 -30.41 -8.07
CA LYS D 126 17.33 -29.89 -8.90
C LYS D 126 17.06 -28.47 -9.37
N SER D 127 15.88 -27.92 -9.10
CA SER D 127 15.53 -26.58 -9.53
C SER D 127 15.95 -25.49 -8.56
N GLY D 128 16.43 -25.91 -7.40
CA GLY D 128 16.89 -25.01 -6.33
C GLY D 128 15.84 -24.78 -5.25
N THR D 129 14.56 -24.86 -5.59
CA THR D 129 13.48 -24.67 -4.64
C THR D 129 12.49 -25.81 -4.79
N VAL D 130 11.82 -26.10 -3.70
CA VAL D 130 10.89 -27.21 -3.58
C VAL D 130 9.58 -26.67 -3.01
N SER D 131 8.46 -27.07 -3.59
CA SER D 131 7.15 -26.57 -3.20
C SER D 131 6.23 -27.73 -2.83
N VAL D 132 5.72 -27.68 -1.60
CA VAL D 132 4.71 -28.62 -1.11
C VAL D 132 3.36 -27.92 -1.20
N VAL D 133 2.37 -28.57 -1.82
CA VAL D 133 1.10 -27.89 -2.09
C VAL D 133 0.01 -28.47 -1.20
N CYS D 134 -0.69 -27.60 -0.48
CA CYS D 134 -1.82 -27.97 0.34
C CYS D 134 -3.07 -27.37 -0.30
N LEU D 135 -4.02 -28.23 -0.67
CA LEU D 135 -5.24 -27.81 -1.35
C LEU D 135 -6.43 -27.93 -0.41
N LEU D 136 -7.21 -26.85 -0.32
CA LEU D 136 -8.50 -26.83 0.38
C LEU D 136 -9.56 -26.63 -0.69
N ASN D 137 -10.36 -27.65 -0.94
CA ASN D 137 -11.24 -27.66 -2.10
C ASN D 137 -12.69 -27.51 -1.71
N ASN D 138 -13.40 -26.62 -2.43
CA ASN D 138 -14.86 -26.50 -2.41
C ASN D 138 -15.43 -26.28 -1.01
N PHE D 139 -15.08 -25.14 -0.43
CA PHE D 139 -15.51 -24.81 0.91
C PHE D 139 -16.23 -23.48 0.88
N TYR D 140 -16.95 -23.20 1.98
CA TYR D 140 -17.67 -21.94 2.12
C TYR D 140 -17.80 -21.62 3.61
N PRO D 141 -17.54 -20.38 4.04
CA PRO D 141 -17.16 -19.17 3.33
C PRO D 141 -15.65 -19.24 3.08
N ARG D 142 -15.13 -18.16 2.53
CA ARG D 142 -13.76 -18.08 2.06
C ARG D 142 -12.74 -17.94 3.23
N GLU D 143 -13.18 -17.60 4.45
CA GLU D 143 -12.22 -17.45 5.54
C GLU D 143 -11.74 -18.82 6.02
N ALA D 144 -10.41 -19.01 6.03
CA ALA D 144 -9.81 -20.29 6.34
C ALA D 144 -8.39 -20.03 6.76
N SER D 145 -7.91 -20.84 7.70
CA SER D 145 -6.56 -20.68 8.23
C SER D 145 -5.74 -21.91 7.86
N VAL D 146 -4.56 -21.68 7.28
CA VAL D 146 -3.65 -22.76 6.96
C VAL D 146 -2.31 -22.48 7.64
N LYS D 147 -1.88 -23.41 8.47
CA LYS D 147 -0.57 -23.35 9.09
C LYS D 147 0.31 -24.46 8.51
N TRP D 148 1.61 -24.21 8.41
CA TRP D 148 2.59 -25.21 8.00
C TRP D 148 3.50 -25.55 9.18
N LYS D 149 3.69 -26.84 9.42
CA LYS D 149 4.58 -27.34 10.45
C LYS D 149 5.64 -28.21 9.79
N VAL D 150 6.90 -27.85 9.98
CA VAL D 150 8.03 -28.58 9.43
C VAL D 150 8.84 -29.13 10.61
N ASP D 151 8.80 -30.44 10.80
CA ASP D 151 9.45 -31.10 11.97
C ASP D 151 8.87 -30.49 13.24
N GLY D 152 7.58 -30.22 13.23
CA GLY D 152 6.90 -29.70 14.40
C GLY D 152 7.13 -28.23 14.68
N ALA D 153 7.90 -27.54 13.85
CA ALA D 153 8.16 -26.10 14.01
C ALA D 153 7.39 -25.39 12.91
N LEU D 154 6.73 -24.29 13.27
CA LEU D 154 5.90 -23.54 12.33
C LEU D 154 6.77 -22.90 11.26
N LYS D 155 6.33 -23.07 10.03
CA LYS D 155 6.99 -22.53 8.91
C LYS D 155 6.04 -21.90 7.93
N THR D 156 4.92 -21.43 8.40
CA THR D 156 3.88 -20.83 7.57
C THR D 156 4.37 -19.61 6.81
N GLY D 157 5.39 -18.93 7.33
CA GLY D 157 5.99 -17.81 6.64
C GLY D 157 6.67 -18.16 5.33
N ASN D 158 6.98 -19.44 5.12
CA ASN D 158 7.54 -19.89 3.85
C ASN D 158 6.47 -20.33 2.86
N SER D 159 5.20 -20.08 3.17
CA SER D 159 4.08 -20.46 2.33
C SER D 159 3.36 -19.23 1.83
N GLN D 160 2.60 -19.42 0.76
CA GLN D 160 1.74 -18.37 0.22
C GLN D 160 0.41 -18.96 -0.24
N GLU D 161 -0.65 -18.18 -0.09
CA GLU D 161 -2.03 -18.61 -0.34
C GLU D 161 -2.53 -18.02 -1.65
N SER D 162 -3.42 -18.76 -2.31
CA SER D 162 -4.04 -18.32 -3.55
C SER D 162 -5.46 -18.89 -3.59
N VAL D 163 -6.45 -18.02 -3.72
CA VAL D 163 -7.85 -18.42 -3.65
C VAL D 163 -8.52 -18.17 -5.00
N THR D 164 -9.38 -19.09 -5.41
CA THR D 164 -10.15 -18.88 -6.61
C THR D 164 -11.26 -17.87 -6.33
N GLU D 165 -11.91 -17.40 -7.38
CA GLU D 165 -13.16 -16.70 -7.18
C GLU D 165 -14.26 -17.69 -6.82
N GLN D 166 -15.35 -17.15 -6.30
CA GLN D 166 -16.49 -17.98 -5.95
C GLN D 166 -17.04 -18.67 -7.18
N ASP D 167 -17.20 -19.99 -7.08
CA ASP D 167 -17.76 -20.77 -8.17
C ASP D 167 -19.21 -20.33 -8.47
N SER D 168 -19.52 -20.22 -9.76
CA SER D 168 -20.81 -19.70 -10.19
C SER D 168 -21.95 -20.68 -9.97
N LYS D 169 -21.68 -21.95 -9.69
CA LYS D 169 -22.73 -22.95 -9.56
C LYS D 169 -22.86 -23.59 -8.18
N ASP D 170 -21.80 -23.65 -7.39
CA ASP D 170 -21.93 -24.12 -6.03
C ASP D 170 -21.58 -23.06 -5.00
N ASN D 171 -21.12 -21.89 -5.43
CA ASN D 171 -20.83 -20.76 -4.54
C ASN D 171 -19.77 -21.09 -3.51
N THR D 172 -18.89 -22.04 -3.84
CA THR D 172 -17.81 -22.41 -2.95
C THR D 172 -16.51 -21.78 -3.42
N TYR D 173 -15.48 -21.94 -2.59
CA TYR D 173 -14.14 -21.46 -2.86
C TYR D 173 -13.17 -22.63 -2.81
N SER D 174 -12.02 -22.44 -3.44
CA SER D 174 -10.91 -23.37 -3.34
C SER D 174 -9.64 -22.57 -3.11
N LEU D 175 -8.76 -23.09 -2.27
CA LEU D 175 -7.57 -22.40 -1.82
C LEU D 175 -6.36 -23.31 -1.96
N SER D 176 -5.24 -22.73 -2.36
CA SER D 176 -3.97 -23.42 -2.41
C SER D 176 -3.00 -22.71 -1.49
N SER D 177 -2.32 -23.47 -0.64
CA SER D 177 -1.24 -22.95 0.19
C SER D 177 0.03 -23.67 -0.22
N THR D 178 0.97 -22.94 -0.79
CA THR D 178 2.21 -23.51 -1.32
C THR D 178 3.37 -23.13 -0.40
N LEU D 179 4.00 -24.14 0.18
CA LEU D 179 5.19 -23.97 1.02
C LEU D 179 6.42 -24.14 0.14
N THR D 180 7.22 -23.09 0.01
CA THR D 180 8.40 -23.12 -0.83
C THR D 180 9.65 -22.99 0.01
N LEU D 181 10.51 -23.99 -0.07
CA LEU D 181 11.78 -23.94 0.66
C LEU D 181 12.92 -24.11 -0.32
N SER D 182 14.13 -23.92 0.14
CA SER D 182 15.29 -24.21 -0.68
C SER D 182 15.55 -25.69 -0.64
N SER D 183 16.26 -26.21 -1.60
CA SER D 183 16.50 -27.61 -1.63
C SER D 183 17.27 -28.09 -0.43
N THR D 184 18.25 -27.34 0.02
CA THR D 184 18.97 -27.74 1.19
C THR D 184 18.09 -27.74 2.39
N GLU D 185 17.26 -26.75 2.50
CA GLU D 185 16.37 -26.66 3.59
C GLU D 185 15.42 -27.81 3.58
N TYR D 186 14.85 -28.09 2.45
CA TYR D 186 13.87 -29.15 2.32
C TYR D 186 14.47 -30.46 2.73
N GLN D 187 15.67 -30.72 2.31
CA GLN D 187 16.37 -31.89 2.70
C GLN D 187 16.78 -31.88 4.16
N SER D 188 16.99 -30.74 4.76
CA SER D 188 17.33 -30.67 6.18
C SER D 188 16.30 -30.95 7.24
N HIS D 189 15.06 -30.81 6.87
CA HIS D 189 13.99 -31.17 7.78
C HIS D 189 13.28 -32.36 7.33
N LYS D 190 12.35 -32.84 8.15
CA LYS D 190 11.82 -34.15 7.59
C LYS D 190 10.31 -34.44 7.52
N VAL D 191 9.48 -33.96 8.42
CA VAL D 191 8.04 -34.25 8.29
C VAL D 191 7.35 -32.93 7.96
N TYR D 192 6.53 -32.89 6.92
CA TYR D 192 5.85 -31.70 6.49
C TYR D 192 4.36 -31.85 6.66
N ALA D 193 3.73 -30.89 7.29
CA ALA D 193 2.31 -30.95 7.58
C ALA D 193 1.65 -29.61 7.34
N CYS D 194 0.44 -29.62 6.79
CA CYS D 194 -0.39 -28.43 6.73
C CYS D 194 -1.62 -28.69 7.58
N GLU D 195 -1.94 -27.73 8.42
CA GLU D 195 -3.05 -27.81 9.38
C GLU D 195 -4.09 -26.78 8.99
N VAL D 196 -5.31 -27.24 8.75
CA VAL D 196 -6.37 -26.42 8.21
C VAL D 196 -7.42 -26.23 9.28
N THR D 197 -7.77 -24.98 9.55
CA THR D 197 -8.90 -24.67 10.40
C THR D 197 -9.93 -23.91 9.58
N HIS D 198 -11.16 -24.36 9.68
CA HIS D 198 -12.23 -23.74 8.92
C HIS D 198 -13.53 -23.98 9.68
N GLN D 199 -14.43 -23.02 9.53
CA GLN D 199 -15.72 -23.07 10.19
C GLN D 199 -16.55 -24.27 9.90
N GLY D 200 -16.31 -24.97 8.79
CA GLY D 200 -16.95 -26.23 8.58
C GLY D 200 -16.30 -27.43 9.24
N LEU D 201 -15.21 -27.17 9.95
CA LEU D 201 -14.41 -28.19 10.61
C LEU D 201 -14.65 -28.13 12.11
N SER D 202 -15.09 -29.25 12.69
CA SER D 202 -15.18 -29.32 14.14
C SER D 202 -13.83 -29.05 14.80
N SER D 203 -12.77 -29.70 14.29
CA SER D 203 -11.40 -29.59 14.76
C SER D 203 -10.48 -29.39 13.57
N PRO D 204 -9.26 -28.88 13.78
CA PRO D 204 -8.34 -28.70 12.64
C PRO D 204 -8.02 -30.04 11.98
N VAL D 205 -7.85 -29.98 10.67
CA VAL D 205 -7.51 -31.16 9.87
C VAL D 205 -6.04 -31.04 9.50
N THR D 206 -5.24 -32.06 9.82
CA THR D 206 -3.81 -32.04 9.51
C THR D 206 -3.52 -33.08 8.43
N LYS D 207 -2.87 -32.65 7.36
CA LYS D 207 -2.39 -33.56 6.34
C LYS D 207 -0.86 -33.45 6.34
N SER D 208 -0.19 -34.59 6.50
CA SER D 208 1.25 -34.60 6.66
C SER D 208 1.84 -35.74 5.85
N PHE D 209 3.15 -35.68 5.67
CA PHE D 209 3.91 -36.73 4.96
C PHE D 209 5.35 -36.66 5.45
N ASN D 210 6.07 -37.75 5.29
CA ASN D 210 7.50 -37.73 5.69
C ASN D 210 8.31 -37.72 4.42
N ARG D 211 9.19 -36.74 4.26
CA ARG D 211 10.04 -36.61 3.06
C ARG D 211 10.74 -37.93 2.81
N GLY D 212 10.68 -38.39 1.58
CA GLY D 212 11.30 -39.66 1.26
C GLY D 212 10.35 -40.77 1.66
N ALA E 1 -17.40 19.17 -12.13
CA ALA E 1 -16.62 17.94 -12.33
C ALA E 1 -15.38 18.35 -13.10
N VAL E 2 -14.25 17.80 -12.70
CA VAL E 2 -12.96 18.01 -13.39
C VAL E 2 -12.70 16.79 -14.28
N GLY E 3 -11.81 16.94 -15.23
CA GLY E 3 -11.42 15.85 -16.14
C GLY E 3 -12.57 15.29 -16.94
N ILE E 4 -13.37 16.14 -17.54
CA ILE E 4 -14.50 15.64 -18.36
C ILE E 4 -14.67 16.55 -19.57
N GLY E 5 -14.77 15.94 -20.74
CA GLY E 5 -14.90 16.67 -21.98
C GLY E 5 -16.34 16.97 -22.36
N ALA E 6 -16.56 17.15 -23.65
CA ALA E 6 -17.89 17.41 -24.18
C ALA E 6 -18.00 16.86 -25.59
N VAL E 7 -19.07 16.11 -25.83
CA VAL E 7 -19.40 15.63 -27.17
C VAL E 7 -20.78 16.17 -27.53
N PHE E 8 -20.95 16.46 -28.82
CA PHE E 8 -22.18 17.06 -29.32
C PHE E 8 -22.76 16.24 -30.47
N ALA F 1 -0.27 -18.08 20.51
CA ALA F 1 0.69 -17.07 20.08
C ALA F 1 1.87 -17.68 19.34
N VAL F 2 2.33 -17.01 18.30
CA VAL F 2 3.45 -17.49 17.51
C VAL F 2 4.63 -16.54 17.72
N GLY F 3 5.85 -17.05 17.53
CA GLY F 3 7.02 -16.20 17.58
C GLY F 3 7.22 -15.46 18.90
N ILE F 4 7.21 -16.19 20.01
CA ILE F 4 7.36 -15.57 21.32
C ILE F 4 8.09 -16.55 22.23
N GLY F 5 9.08 -16.04 22.95
CA GLY F 5 9.90 -16.88 23.81
C GLY F 5 9.33 -17.01 25.21
N ALA F 6 10.21 -17.33 26.16
CA ALA F 6 9.81 -17.48 27.54
C ALA F 6 10.97 -17.06 28.43
N VAL F 7 10.68 -16.25 29.45
CA VAL F 7 11.67 -15.87 30.44
C VAL F 7 11.23 -16.39 31.80
N PHE F 8 12.21 -16.77 32.61
CA PHE F 8 11.96 -17.34 33.91
C PHE F 8 12.75 -16.58 34.96
#